data_1PRP
# 
_entry.id   1PRP 
# 
_audit_conform.dict_name       mmcif_pdbx.dic 
_audit_conform.dict_version    5.386 
_audit_conform.dict_location   http://mmcif.pdb.org/dictionaries/ascii/mmcif_pdbx.dic 
# 
loop_
_database_2.database_id 
_database_2.database_code 
_database_2.pdbx_database_accession 
_database_2.pdbx_DOI 
PDB   1PRP         pdb_00001prp 10.2210/pdb1prp/pdb 
RCSB  GDL023       ?            ?                   
WWPDB D_1000175809 ?            ?                   
# 
loop_
_pdbx_audit_revision_history.ordinal 
_pdbx_audit_revision_history.data_content_type 
_pdbx_audit_revision_history.major_revision 
_pdbx_audit_revision_history.minor_revision 
_pdbx_audit_revision_history.revision_date 
1 'Structure model' 1 0 1994-01-15 
2 'Structure model' 1 1 2008-05-22 
3 'Structure model' 1 2 2011-07-13 
4 'Structure model' 1 3 2024-02-14 
# 
_pdbx_audit_revision_details.ordinal             1 
_pdbx_audit_revision_details.revision_ordinal    1 
_pdbx_audit_revision_details.data_content_type   'Structure model' 
_pdbx_audit_revision_details.provider            repository 
_pdbx_audit_revision_details.type                'Initial release' 
_pdbx_audit_revision_details.description         ? 
_pdbx_audit_revision_details.details             ? 
# 
loop_
_pdbx_audit_revision_group.ordinal 
_pdbx_audit_revision_group.revision_ordinal 
_pdbx_audit_revision_group.data_content_type 
_pdbx_audit_revision_group.group 
1 2 'Structure model' 'Version format compliance' 
2 3 'Structure model' 'Version format compliance' 
3 4 'Structure model' 'Data collection'           
4 4 'Structure model' 'Database references'       
5 4 'Structure model' 'Derived calculations'      
# 
loop_
_pdbx_audit_revision_category.ordinal 
_pdbx_audit_revision_category.revision_ordinal 
_pdbx_audit_revision_category.data_content_type 
_pdbx_audit_revision_category.category 
1 4 'Structure model' chem_comp_atom 
2 4 'Structure model' chem_comp_bond 
3 4 'Structure model' database_2     
4 4 'Structure model' struct_site    
# 
loop_
_pdbx_audit_revision_item.ordinal 
_pdbx_audit_revision_item.revision_ordinal 
_pdbx_audit_revision_item.data_content_type 
_pdbx_audit_revision_item.item 
1 4 'Structure model' '_database_2.pdbx_DOI'                
2 4 'Structure model' '_database_2.pdbx_database_accession' 
3 4 'Structure model' '_struct_site.pdbx_auth_asym_id'      
4 4 'Structure model' '_struct_site.pdbx_auth_comp_id'      
5 4 'Structure model' '_struct_site.pdbx_auth_seq_id'       
# 
_pdbx_database_status.status_code                     REL 
_pdbx_database_status.entry_id                        1PRP 
_pdbx_database_status.recvd_initial_deposition_date   1993-07-23 
_pdbx_database_status.deposit_site                    BNL 
_pdbx_database_status.process_site                    NDB 
_pdbx_database_status.status_code_sf                  REL 
_pdbx_database_status.status_code_mr                  ? 
_pdbx_database_status.SG_entry                        ? 
_pdbx_database_status.pdb_format_compatible           Y 
_pdbx_database_status.status_code_cs                  ? 
_pdbx_database_status.status_code_nmr_data            ? 
_pdbx_database_status.methods_development_category    ? 
# 
loop_
_audit_author.name 
_audit_author.pdbx_ordinal 
'Nunn, C.M.'    1 
'Jenkins, T.C.' 2 
'Neidle, S.'    3 
# 
_citation.id                        primary 
_citation.title                     
'Crystal structure of d(CGCGAATTCGCG) complexed with propamidine, a short-chain homologue of the drug pentamidine.' 
_citation.journal_abbrev            Biochemistry 
_citation.journal_volume            32 
_citation.page_first                13838 
_citation.page_last                 13843 
_citation.year                      1993 
_citation.journal_id_ASTM           BICHAW 
_citation.country                   US 
_citation.journal_id_ISSN           0006-2960 
_citation.journal_id_CSD            0033 
_citation.book_publisher            ? 
_citation.pdbx_database_id_PubMed   8268158 
_citation.pdbx_database_id_DOI      10.1021/bi00213a012 
# 
loop_
_citation_author.citation_id 
_citation_author.name 
_citation_author.ordinal 
_citation_author.identifier_ORCID 
primary 'Nunn, C.M.'    1 ? 
primary 'Jenkins, T.C.' 2 ? 
primary 'Neidle, S.'    3 ? 
# 
loop_
_entity.id 
_entity.type 
_entity.src_method 
_entity.pdbx_description 
_entity.formula_weight 
_entity.pdbx_number_of_molecules 
_entity.pdbx_ec 
_entity.pdbx_mutation 
_entity.pdbx_fragment 
_entity.details 
1 polymer     syn 
;DNA (5'-D(*CP*GP*CP*GP*AP*AP*TP*TP*CP*GP*CP*G)-3')
;
3663.392 2  ? ? ? ? 
2 non-polymer syn '1,3-BIS(AMIDINOPHENOXY)PROPANE'                     312.366  1  ? ? ? ? 
3 water       nat water                                                18.015   69 ? ? ? ? 
# 
_entity_poly.entity_id                      1 
_entity_poly.type                           polydeoxyribonucleotide 
_entity_poly.nstd_linkage                   no 
_entity_poly.nstd_monomer                   no 
_entity_poly.pdbx_seq_one_letter_code       '(DC)(DG)(DC)(DG)(DA)(DA)(DT)(DT)(DC)(DG)(DC)(DG)' 
_entity_poly.pdbx_seq_one_letter_code_can   CGCGAATTCGCG 
_entity_poly.pdbx_strand_id                 A,B 
_entity_poly.pdbx_target_identifier         ? 
# 
loop_
_pdbx_entity_nonpoly.entity_id 
_pdbx_entity_nonpoly.name 
_pdbx_entity_nonpoly.comp_id 
2 '1,3-BIS(AMIDINOPHENOXY)PROPANE' TNT 
3 water                            HOH 
# 
loop_
_entity_poly_seq.entity_id 
_entity_poly_seq.num 
_entity_poly_seq.mon_id 
_entity_poly_seq.hetero 
1 1  DC n 
1 2  DG n 
1 3  DC n 
1 4  DG n 
1 5  DA n 
1 6  DA n 
1 7  DT n 
1 8  DT n 
1 9  DC n 
1 10 DG n 
1 11 DC n 
1 12 DG n 
# 
loop_
_chem_comp.id 
_chem_comp.type 
_chem_comp.mon_nstd_flag 
_chem_comp.name 
_chem_comp.pdbx_synonyms 
_chem_comp.formula 
_chem_comp.formula_weight 
DA  'DNA linking' y "2'-DEOXYADENOSINE-5'-MONOPHOSPHATE" ? 'C10 H14 N5 O6 P' 331.222 
DC  'DNA linking' y "2'-DEOXYCYTIDINE-5'-MONOPHOSPHATE"  ? 'C9 H14 N3 O7 P'  307.197 
DG  'DNA linking' y "2'-DEOXYGUANOSINE-5'-MONOPHOSPHATE" ? 'C10 H14 N5 O7 P' 347.221 
DT  'DNA linking' y "THYMIDINE-5'-MONOPHOSPHATE"         ? 'C10 H15 N2 O8 P' 322.208 
HOH non-polymer   . WATER                                ? 'H2 O'            18.015  
TNT non-polymer   . '1,3-BIS(AMIDINOPHENOXY)PROPANE'     ? 'C17 H20 N4 O2'   312.366 
# 
loop_
_pdbx_poly_seq_scheme.asym_id 
_pdbx_poly_seq_scheme.entity_id 
_pdbx_poly_seq_scheme.seq_id 
_pdbx_poly_seq_scheme.mon_id 
_pdbx_poly_seq_scheme.ndb_seq_num 
_pdbx_poly_seq_scheme.pdb_seq_num 
_pdbx_poly_seq_scheme.auth_seq_num 
_pdbx_poly_seq_scheme.pdb_mon_id 
_pdbx_poly_seq_scheme.auth_mon_id 
_pdbx_poly_seq_scheme.pdb_strand_id 
_pdbx_poly_seq_scheme.pdb_ins_code 
_pdbx_poly_seq_scheme.hetero 
A 1 1  DC 1  1  1  DC C A . n 
A 1 2  DG 2  2  2  DG G A . n 
A 1 3  DC 3  3  3  DC C A . n 
A 1 4  DG 4  4  4  DG G A . n 
A 1 5  DA 5  5  5  DA A A . n 
A 1 6  DA 6  6  6  DA A A . n 
A 1 7  DT 7  7  7  DT T A . n 
A 1 8  DT 8  8  8  DT T A . n 
A 1 9  DC 9  9  9  DC C A . n 
A 1 10 DG 10 10 10 DG G A . n 
A 1 11 DC 11 11 11 DC C A . n 
A 1 12 DG 12 12 12 DG G A . n 
B 1 1  DC 1  13 13 DC C B . n 
B 1 2  DG 2  14 14 DG G B . n 
B 1 3  DC 3  15 15 DC C B . n 
B 1 4  DG 4  16 16 DG G B . n 
B 1 5  DA 5  17 17 DA A B . n 
B 1 6  DA 6  18 18 DA A B . n 
B 1 7  DT 7  19 19 DT T B . n 
B 1 8  DT 8  20 20 DT T B . n 
B 1 9  DC 9  21 21 DC C B . n 
B 1 10 DG 10 22 22 DG G B . n 
B 1 11 DC 11 23 23 DC C B . n 
B 1 12 DG 12 24 24 DG G B . n 
# 
loop_
_pdbx_nonpoly_scheme.asym_id 
_pdbx_nonpoly_scheme.entity_id 
_pdbx_nonpoly_scheme.mon_id 
_pdbx_nonpoly_scheme.ndb_seq_num 
_pdbx_nonpoly_scheme.pdb_seq_num 
_pdbx_nonpoly_scheme.auth_seq_num 
_pdbx_nonpoly_scheme.pdb_mon_id 
_pdbx_nonpoly_scheme.auth_mon_id 
_pdbx_nonpoly_scheme.pdb_strand_id 
_pdbx_nonpoly_scheme.pdb_ins_code 
C 2 TNT 1  25 25 TNT TNT A . 
D 3 HOH 1  26 26 HOH HOH A . 
D 3 HOH 2  27 27 HOH HOH A . 
D 3 HOH 3  28 28 HOH HOH A . 
D 3 HOH 4  29 29 HOH HOH A . 
D 3 HOH 5  30 30 HOH HOH A . 
D 3 HOH 6  31 31 HOH HOH A . 
D 3 HOH 7  36 36 HOH HOH A . 
D 3 HOH 8  39 39 HOH HOH A . 
D 3 HOH 9  42 42 HOH HOH A . 
D 3 HOH 10 43 43 HOH HOH A . 
D 3 HOH 11 44 44 HOH HOH A . 
D 3 HOH 12 45 45 HOH HOH A . 
D 3 HOH 13 48 48 HOH HOH A . 
D 3 HOH 14 51 51 HOH HOH A . 
D 3 HOH 15 53 53 HOH HOH A . 
D 3 HOH 16 58 58 HOH HOH A . 
D 3 HOH 17 61 61 HOH HOH A . 
D 3 HOH 18 62 62 HOH HOH A . 
D 3 HOH 19 63 63 HOH HOH A . 
D 3 HOH 20 64 64 HOH HOH A . 
D 3 HOH 21 65 65 HOH HOH A . 
D 3 HOH 22 66 66 HOH HOH A . 
D 3 HOH 23 67 67 HOH HOH A . 
D 3 HOH 24 69 69 HOH HOH A . 
D 3 HOH 25 70 70 HOH HOH A . 
D 3 HOH 26 71 71 HOH HOH A . 
D 3 HOH 27 76 76 HOH HOH A . 
D 3 HOH 28 78 78 HOH HOH A . 
D 3 HOH 29 80 80 HOH HOH A . 
D 3 HOH 30 81 81 HOH HOH A . 
D 3 HOH 31 82 82 HOH HOH A . 
D 3 HOH 32 83 83 HOH HOH A . 
D 3 HOH 33 84 84 HOH HOH A . 
D 3 HOH 34 86 86 HOH HOH A . 
D 3 HOH 35 87 87 HOH HOH A . 
D 3 HOH 36 88 88 HOH HOH A . 
D 3 HOH 37 90 90 HOH HOH A . 
D 3 HOH 38 91 91 HOH HOH A . 
D 3 HOH 39 92 92 HOH HOH A . 
D 3 HOH 40 93 93 HOH HOH A . 
E 3 HOH 1  32 32 HOH HOH B . 
E 3 HOH 2  33 33 HOH HOH B . 
E 3 HOH 3  34 34 HOH HOH B . 
E 3 HOH 4  35 35 HOH HOH B . 
E 3 HOH 5  37 37 HOH HOH B . 
E 3 HOH 6  38 38 HOH HOH B . 
E 3 HOH 7  40 40 HOH HOH B . 
E 3 HOH 8  41 41 HOH HOH B . 
E 3 HOH 9  46 46 HOH HOH B . 
E 3 HOH 10 47 47 HOH HOH B . 
E 3 HOH 11 49 49 HOH HOH B . 
E 3 HOH 12 50 50 HOH HOH B . 
E 3 HOH 13 52 52 HOH HOH B . 
E 3 HOH 14 54 54 HOH HOH B . 
E 3 HOH 15 55 55 HOH HOH B . 
E 3 HOH 16 56 56 HOH HOH B . 
E 3 HOH 17 57 57 HOH HOH B . 
E 3 HOH 18 59 59 HOH HOH B . 
E 3 HOH 19 60 60 HOH HOH B . 
E 3 HOH 20 68 68 HOH HOH B . 
E 3 HOH 21 72 72 HOH HOH B . 
E 3 HOH 22 73 73 HOH HOH B . 
E 3 HOH 23 74 74 HOH HOH B . 
E 3 HOH 24 75 75 HOH HOH B . 
E 3 HOH 25 77 77 HOH HOH B . 
E 3 HOH 26 79 79 HOH HOH B . 
E 3 HOH 27 85 85 HOH HOH B . 
E 3 HOH 28 89 89 HOH HOH B . 
E 3 HOH 29 94 94 HOH HOH B . 
# 
_software.name             X-PLOR 
_software.classification   refinement 
_software.version          . 
_software.citation_id      ? 
_software.pdbx_ordinal     1 
# 
_cell.entry_id           1PRP 
_cell.length_a           25.000 
_cell.length_b           40.880 
_cell.length_c           67.280 
_cell.angle_alpha        90.00 
_cell.angle_beta         90.00 
_cell.angle_gamma        90.00 
_cell.Z_PDB              8 
_cell.pdbx_unique_axis   ? 
# 
_symmetry.entry_id                         1PRP 
_symmetry.space_group_name_H-M             'P 21 21 21' 
_symmetry.pdbx_full_space_group_name_H-M   ? 
_symmetry.cell_setting                     ? 
_symmetry.Int_Tables_number                19 
# 
_exptl.entry_id          1PRP 
_exptl.method            'X-RAY DIFFRACTION' 
_exptl.crystals_number   ? 
# 
_exptl_crystal.id                    1 
_exptl_crystal.density_meas          ? 
_exptl_crystal.density_Matthews      2.35 
_exptl_crystal.density_percent_sol   47.57 
_exptl_crystal.description           ? 
# 
_exptl_crystal_grow.crystal_id      1 
_exptl_crystal_grow.method          'VAPOR DIFFUSION, SITTING DROP' 
_exptl_crystal_grow.temp            ? 
_exptl_crystal_grow.temp_details    ? 
_exptl_crystal_grow.pH              7.00 
_exptl_crystal_grow.pdbx_details    'pH 7.00, VAPOR DIFFUSION, SITTING DROP' 
_exptl_crystal_grow.pdbx_pH_range   ? 
# 
loop_
_exptl_crystal_grow_comp.crystal_id 
_exptl_crystal_grow_comp.id 
_exptl_crystal_grow_comp.sol_id 
_exptl_crystal_grow_comp.name 
_exptl_crystal_grow_comp.volume 
_exptl_crystal_grow_comp.conc 
_exptl_crystal_grow_comp.details 
1 1 1 WATER           ? ? ? 
1 2 1 MPD             ? ? ? 
1 3 1 MGCL2           ? ? ? 
1 4 1 'NA CACODYLATE' ? ? ? 
1 5 2 WATER           ? ? ? 
1 6 2 MPD             ? ? ? 
# 
_diffrn.id                     1 
_diffrn.ambient_temp           289.00 
_diffrn.ambient_temp_details   ? 
_diffrn.crystal_id             1 
# 
_diffrn_detector.diffrn_id              1 
_diffrn_detector.detector               'AREA DETECTOR' 
_diffrn_detector.type                   XENTRONICS 
_diffrn_detector.pdbx_collection_date   ? 
_diffrn_detector.details                ? 
# 
_diffrn_radiation.diffrn_id                        1 
_diffrn_radiation.wavelength_id                    1 
_diffrn_radiation.pdbx_monochromatic_or_laue_m_l   ? 
_diffrn_radiation.monochromator                    ? 
_diffrn_radiation.pdbx_diffrn_protocol             ? 
_diffrn_radiation.pdbx_scattering_type             x-ray 
# 
_diffrn_radiation_wavelength.id           1 
_diffrn_radiation_wavelength.wavelength   1.5418 
_diffrn_radiation_wavelength.wt           1.0 
# 
_diffrn_source.diffrn_id                   1 
_diffrn_source.source                      'ROTATING ANODE' 
_diffrn_source.type                        ? 
_diffrn_source.pdbx_synchrotron_site       ? 
_diffrn_source.pdbx_synchrotron_beamline   ? 
_diffrn_source.pdbx_wavelength             1.5418 
_diffrn_source.pdbx_wavelength_list        ? 
# 
_reflns.entry_id                     1PRP 
_reflns.observed_criterion_sigma_I   ? 
_reflns.observed_criterion_sigma_F   ? 
_reflns.d_resolution_low             ? 
_reflns.d_resolution_high            2.100 
_reflns.number_obs                   4021 
_reflns.number_all                   ? 
_reflns.percent_possible_obs         ? 
_reflns.pdbx_Rmerge_I_obs            0.0830000 
_reflns.pdbx_Rsym_value              ? 
_reflns.pdbx_netI_over_sigmaI        ? 
_reflns.B_iso_Wilson_estimate        ? 
_reflns.pdbx_redundancy              ? 
_reflns.pdbx_diffrn_id               1 
_reflns.pdbx_ordinal                 1 
# 
_refine.entry_id                                 1PRP 
_refine.ls_number_reflns_obs                     2786 
_refine.ls_number_reflns_all                     ? 
_refine.pdbx_ls_sigma_I                          ? 
_refine.pdbx_ls_sigma_F                          2.000 
_refine.pdbx_data_cutoff_high_absF               ? 
_refine.pdbx_data_cutoff_low_absF                ? 
_refine.pdbx_data_cutoff_high_rms_absF           ? 
_refine.ls_d_res_low                             8.000 
_refine.ls_d_res_high                            2.100 
_refine.ls_percent_reflns_obs                    ? 
_refine.ls_R_factor_obs                          0.1740000 
_refine.ls_R_factor_all                          ? 
_refine.ls_R_factor_R_work                       0.1740000 
_refine.ls_R_factor_R_free                       ? 
_refine.ls_R_factor_R_free_error                 ? 
_refine.ls_R_factor_R_free_error_details         ? 
_refine.ls_percent_reflns_R_free                 ? 
_refine.ls_number_reflns_R_free                  ? 
_refine.ls_number_parameters                     ? 
_refine.ls_number_restraints                     ? 
_refine.occupancy_min                            ? 
_refine.occupancy_max                            ? 
_refine.B_iso_mean                               ? 
_refine.aniso_B[1][1]                            ? 
_refine.aniso_B[2][2]                            ? 
_refine.aniso_B[3][3]                            ? 
_refine.aniso_B[1][2]                            ? 
_refine.aniso_B[1][3]                            ? 
_refine.aniso_B[2][3]                            ? 
_refine.solvent_model_details                    ? 
_refine.solvent_model_param_ksol                 ? 
_refine.solvent_model_param_bsol                 ? 
_refine.pdbx_ls_cross_valid_method               ? 
_refine.details                                  ? 
_refine.pdbx_starting_model                      ? 
_refine.pdbx_method_to_determine_struct          ? 
_refine.pdbx_isotropic_thermal_model             ? 
_refine.pdbx_stereochemistry_target_values       ? 
_refine.pdbx_stereochem_target_val_spec_case     ? 
_refine.pdbx_R_Free_selection_details            ? 
_refine.pdbx_overall_ESU_R                       ? 
_refine.pdbx_overall_ESU_R_Free                  ? 
_refine.overall_SU_ML                            ? 
_refine.overall_SU_B                             ? 
_refine.pdbx_refine_id                           'X-RAY DIFFRACTION' 
_refine.pdbx_diffrn_id                           1 
_refine.pdbx_TLS_residual_ADP_flag               ? 
_refine.correlation_coeff_Fo_to_Fc               ? 
_refine.correlation_coeff_Fo_to_Fc_free          ? 
_refine.pdbx_solvent_vdw_probe_radii             ? 
_refine.pdbx_solvent_ion_probe_radii             ? 
_refine.pdbx_solvent_shrinkage_radii             ? 
_refine.pdbx_overall_phase_error                 ? 
_refine.overall_SU_R_Cruickshank_DPI             ? 
_refine.pdbx_overall_SU_R_free_Cruickshank_DPI   ? 
_refine.pdbx_overall_SU_R_Blow_DPI               ? 
_refine.pdbx_overall_SU_R_free_Blow_DPI          ? 
# 
_refine_hist.pdbx_refine_id                   'X-RAY DIFFRACTION' 
_refine_hist.cycle_id                         LAST 
_refine_hist.pdbx_number_atoms_protein        0 
_refine_hist.pdbx_number_atoms_nucleic_acid   486 
_refine_hist.pdbx_number_atoms_ligand         23 
_refine_hist.number_atoms_solvent             69 
_refine_hist.number_atoms_total               578 
_refine_hist.d_res_high                       2.100 
_refine_hist.d_res_low                        8.000 
# 
_struct.entry_id                  1PRP 
_struct.title                     
'CRYSTAL STRUCTURE OF D(CGCGAATTCGCG) COMPLEXED WITH PROPAMIDINE, A SHORT-CHAIN HOMOLOGUE OF THE DRUG PENTAMIDIN' 
_struct.pdbx_model_details        ? 
_struct.pdbx_CASP_flag            ? 
_struct.pdbx_model_type_details   ? 
# 
_struct_keywords.entry_id        1PRP 
_struct_keywords.pdbx_keywords   DNA 
_struct_keywords.text            'B-DNA, DOUBLE HELIX, COMPLEXED WITH DRUG, DNA' 
# 
loop_
_struct_asym.id 
_struct_asym.pdbx_blank_PDB_chainid_flag 
_struct_asym.pdbx_modified 
_struct_asym.entity_id 
_struct_asym.details 
A N N 1 ? 
B N N 1 ? 
C N N 2 ? 
D N N 3 ? 
E N N 3 ? 
# 
_struct_ref.id                         1 
_struct_ref.entity_id                  1 
_struct_ref.db_name                    PDB 
_struct_ref.db_code                    1PRP 
_struct_ref.pdbx_db_accession          1PRP 
_struct_ref.pdbx_db_isoform            ? 
_struct_ref.pdbx_seq_one_letter_code   ? 
_struct_ref.pdbx_align_begin           ? 
# 
loop_
_struct_ref_seq.align_id 
_struct_ref_seq.ref_id 
_struct_ref_seq.pdbx_PDB_id_code 
_struct_ref_seq.pdbx_strand_id 
_struct_ref_seq.seq_align_beg 
_struct_ref_seq.pdbx_seq_align_beg_ins_code 
_struct_ref_seq.seq_align_end 
_struct_ref_seq.pdbx_seq_align_end_ins_code 
_struct_ref_seq.pdbx_db_accession 
_struct_ref_seq.db_align_beg 
_struct_ref_seq.pdbx_db_align_beg_ins_code 
_struct_ref_seq.db_align_end 
_struct_ref_seq.pdbx_db_align_end_ins_code 
_struct_ref_seq.pdbx_auth_seq_align_beg 
_struct_ref_seq.pdbx_auth_seq_align_end 
1 1 1PRP A 1 ? 12 ? 1PRP 1  ? 12 ? 1  12 
2 1 1PRP B 1 ? 12 ? 1PRP 13 ? 24 ? 13 24 
# 
_pdbx_struct_assembly.id                   1 
_pdbx_struct_assembly.details              author_defined_assembly 
_pdbx_struct_assembly.method_details       ? 
_pdbx_struct_assembly.oligomeric_details   dimeric 
_pdbx_struct_assembly.oligomeric_count     2 
# 
_pdbx_struct_assembly_gen.assembly_id       1 
_pdbx_struct_assembly_gen.oper_expression   1 
_pdbx_struct_assembly_gen.asym_id_list      A,B,C,D,E 
# 
_pdbx_struct_oper_list.id                   1 
_pdbx_struct_oper_list.type                 'identity operation' 
_pdbx_struct_oper_list.name                 1_555 
_pdbx_struct_oper_list.symmetry_operation   x,y,z 
_pdbx_struct_oper_list.matrix[1][1]         1.0000000000 
_pdbx_struct_oper_list.matrix[1][2]         0.0000000000 
_pdbx_struct_oper_list.matrix[1][3]         0.0000000000 
_pdbx_struct_oper_list.vector[1]            0.0000000000 
_pdbx_struct_oper_list.matrix[2][1]         0.0000000000 
_pdbx_struct_oper_list.matrix[2][2]         1.0000000000 
_pdbx_struct_oper_list.matrix[2][3]         0.0000000000 
_pdbx_struct_oper_list.vector[2]            0.0000000000 
_pdbx_struct_oper_list.matrix[3][1]         0.0000000000 
_pdbx_struct_oper_list.matrix[3][2]         0.0000000000 
_pdbx_struct_oper_list.matrix[3][3]         1.0000000000 
_pdbx_struct_oper_list.vector[3]            0.0000000000 
# 
_struct_biol.id   1 
# 
loop_
_struct_conn.id 
_struct_conn.conn_type_id 
_struct_conn.pdbx_leaving_atom_flag 
_struct_conn.pdbx_PDB_id 
_struct_conn.ptnr1_label_asym_id 
_struct_conn.ptnr1_label_comp_id 
_struct_conn.ptnr1_label_seq_id 
_struct_conn.ptnr1_label_atom_id 
_struct_conn.pdbx_ptnr1_label_alt_id 
_struct_conn.pdbx_ptnr1_PDB_ins_code 
_struct_conn.pdbx_ptnr1_standard_comp_id 
_struct_conn.ptnr1_symmetry 
_struct_conn.ptnr2_label_asym_id 
_struct_conn.ptnr2_label_comp_id 
_struct_conn.ptnr2_label_seq_id 
_struct_conn.ptnr2_label_atom_id 
_struct_conn.pdbx_ptnr2_label_alt_id 
_struct_conn.pdbx_ptnr2_PDB_ins_code 
_struct_conn.ptnr1_auth_asym_id 
_struct_conn.ptnr1_auth_comp_id 
_struct_conn.ptnr1_auth_seq_id 
_struct_conn.ptnr2_auth_asym_id 
_struct_conn.ptnr2_auth_comp_id 
_struct_conn.ptnr2_auth_seq_id 
_struct_conn.ptnr2_symmetry 
_struct_conn.pdbx_ptnr3_label_atom_id 
_struct_conn.pdbx_ptnr3_label_seq_id 
_struct_conn.pdbx_ptnr3_label_comp_id 
_struct_conn.pdbx_ptnr3_label_asym_id 
_struct_conn.pdbx_ptnr3_label_alt_id 
_struct_conn.pdbx_ptnr3_PDB_ins_code 
_struct_conn.details 
_struct_conn.pdbx_dist_value 
_struct_conn.pdbx_value_order 
_struct_conn.pdbx_role 
hydrog1  hydrog ? ? A DC 1  N3 ? ? ? 1_555 B DG 12 N1 ? ? A DC 1  B DG 24 1_555 ? ? ? ? ? ? WATSON-CRICK ? ? ? 
hydrog2  hydrog ? ? A DC 1  N4 ? ? ? 1_555 B DG 12 O6 ? ? A DC 1  B DG 24 1_555 ? ? ? ? ? ? WATSON-CRICK ? ? ? 
hydrog3  hydrog ? ? A DC 1  O2 ? ? ? 1_555 B DG 12 N2 ? ? A DC 1  B DG 24 1_555 ? ? ? ? ? ? WATSON-CRICK ? ? ? 
hydrog4  hydrog ? ? A DG 2  N1 ? ? ? 1_555 B DC 11 N3 ? ? A DG 2  B DC 23 1_555 ? ? ? ? ? ? WATSON-CRICK ? ? ? 
hydrog5  hydrog ? ? A DG 2  N2 ? ? ? 1_555 B DC 11 O2 ? ? A DG 2  B DC 23 1_555 ? ? ? ? ? ? WATSON-CRICK ? ? ? 
hydrog6  hydrog ? ? A DG 2  O6 ? ? ? 1_555 B DC 11 N4 ? ? A DG 2  B DC 23 1_555 ? ? ? ? ? ? WATSON-CRICK ? ? ? 
hydrog7  hydrog ? ? A DC 3  N3 ? ? ? 1_555 B DG 10 N1 ? ? A DC 3  B DG 22 1_555 ? ? ? ? ? ? WATSON-CRICK ? ? ? 
hydrog8  hydrog ? ? A DC 3  N4 ? ? ? 1_555 B DG 10 O6 ? ? A DC 3  B DG 22 1_555 ? ? ? ? ? ? WATSON-CRICK ? ? ? 
hydrog9  hydrog ? ? A DC 3  O2 ? ? ? 1_555 B DG 10 N2 ? ? A DC 3  B DG 22 1_555 ? ? ? ? ? ? WATSON-CRICK ? ? ? 
hydrog10 hydrog ? ? A DG 4  N1 ? ? ? 1_555 B DC 9  N3 ? ? A DG 4  B DC 21 1_555 ? ? ? ? ? ? WATSON-CRICK ? ? ? 
hydrog11 hydrog ? ? A DG 4  N2 ? ? ? 1_555 B DC 9  O2 ? ? A DG 4  B DC 21 1_555 ? ? ? ? ? ? WATSON-CRICK ? ? ? 
hydrog12 hydrog ? ? A DG 4  O6 ? ? ? 1_555 B DC 9  N4 ? ? A DG 4  B DC 21 1_555 ? ? ? ? ? ? WATSON-CRICK ? ? ? 
hydrog13 hydrog ? ? A DA 5  N1 ? ? ? 1_555 B DT 8  N3 ? ? A DA 5  B DT 20 1_555 ? ? ? ? ? ? WATSON-CRICK ? ? ? 
hydrog14 hydrog ? ? A DA 5  N6 ? ? ? 1_555 B DT 8  O4 ? ? A DA 5  B DT 20 1_555 ? ? ? ? ? ? WATSON-CRICK ? ? ? 
hydrog15 hydrog ? ? A DA 6  N1 ? ? ? 1_555 B DT 7  N3 ? ? A DA 6  B DT 19 1_555 ? ? ? ? ? ? WATSON-CRICK ? ? ? 
hydrog16 hydrog ? ? A DA 6  N6 ? ? ? 1_555 B DT 7  O4 ? ? A DA 6  B DT 19 1_555 ? ? ? ? ? ? WATSON-CRICK ? ? ? 
hydrog17 hydrog ? ? A DT 7  N3 ? ? ? 1_555 B DA 6  N1 ? ? A DT 7  B DA 18 1_555 ? ? ? ? ? ? WATSON-CRICK ? ? ? 
hydrog18 hydrog ? ? A DT 7  O4 ? ? ? 1_555 B DA 6  N6 ? ? A DT 7  B DA 18 1_555 ? ? ? ? ? ? WATSON-CRICK ? ? ? 
hydrog19 hydrog ? ? A DT 8  N3 ? ? ? 1_555 B DA 5  N1 ? ? A DT 8  B DA 17 1_555 ? ? ? ? ? ? WATSON-CRICK ? ? ? 
hydrog20 hydrog ? ? A DT 8  O4 ? ? ? 1_555 B DA 5  N6 ? ? A DT 8  B DA 17 1_555 ? ? ? ? ? ? WATSON-CRICK ? ? ? 
hydrog21 hydrog ? ? A DC 9  N3 ? ? ? 1_555 B DG 4  N1 ? ? A DC 9  B DG 16 1_555 ? ? ? ? ? ? WATSON-CRICK ? ? ? 
hydrog22 hydrog ? ? A DC 9  N4 ? ? ? 1_555 B DG 4  O6 ? ? A DC 9  B DG 16 1_555 ? ? ? ? ? ? WATSON-CRICK ? ? ? 
hydrog23 hydrog ? ? A DC 9  O2 ? ? ? 1_555 B DG 4  N2 ? ? A DC 9  B DG 16 1_555 ? ? ? ? ? ? WATSON-CRICK ? ? ? 
hydrog24 hydrog ? ? A DG 10 N1 ? ? ? 1_555 B DC 3  N3 ? ? A DG 10 B DC 15 1_555 ? ? ? ? ? ? WATSON-CRICK ? ? ? 
hydrog25 hydrog ? ? A DG 10 N2 ? ? ? 1_555 B DC 3  O2 ? ? A DG 10 B DC 15 1_555 ? ? ? ? ? ? WATSON-CRICK ? ? ? 
hydrog26 hydrog ? ? A DG 10 O6 ? ? ? 1_555 B DC 3  N4 ? ? A DG 10 B DC 15 1_555 ? ? ? ? ? ? WATSON-CRICK ? ? ? 
hydrog27 hydrog ? ? A DC 11 N3 ? ? ? 1_555 B DG 2  N1 ? ? A DC 11 B DG 14 1_555 ? ? ? ? ? ? WATSON-CRICK ? ? ? 
hydrog28 hydrog ? ? A DC 11 N4 ? ? ? 1_555 B DG 2  O6 ? ? A DC 11 B DG 14 1_555 ? ? ? ? ? ? WATSON-CRICK ? ? ? 
hydrog29 hydrog ? ? A DC 11 O2 ? ? ? 1_555 B DG 2  N2 ? ? A DC 11 B DG 14 1_555 ? ? ? ? ? ? WATSON-CRICK ? ? ? 
hydrog30 hydrog ? ? A DG 12 N1 ? ? ? 1_555 B DC 1  N3 ? ? A DG 12 B DC 13 1_555 ? ? ? ? ? ? WATSON-CRICK ? ? ? 
hydrog31 hydrog ? ? A DG 12 N2 ? ? ? 1_555 B DC 1  O2 ? ? A DG 12 B DC 13 1_555 ? ? ? ? ? ? WATSON-CRICK ? ? ? 
hydrog32 hydrog ? ? A DG 12 O6 ? ? ? 1_555 B DC 1  N4 ? ? A DG 12 B DC 13 1_555 ? ? ? ? ? ? WATSON-CRICK ? ? ? 
# 
_struct_conn_type.id          hydrog 
_struct_conn_type.criteria    ? 
_struct_conn_type.reference   ? 
# 
loop_
_struct_site.id 
_struct_site.pdbx_evidence_code 
_struct_site.pdbx_auth_asym_id 
_struct_site.pdbx_auth_comp_id 
_struct_site.pdbx_auth_seq_id 
_struct_site.pdbx_auth_ins_code 
_struct_site.pdbx_num_residues 
_struct_site.details 
AC1 Software A TNT 25 ? 8 'BINDING SITE FOR RESIDUE TNT A 25' 
1   ?        ? ?   ?  ? ? ?                                   
# 
loop_
_struct_site_gen.id 
_struct_site_gen.site_id 
_struct_site_gen.pdbx_num_res 
_struct_site_gen.label_comp_id 
_struct_site_gen.label_asym_id 
_struct_site_gen.label_seq_id 
_struct_site_gen.pdbx_auth_ins_code 
_struct_site_gen.auth_comp_id 
_struct_site_gen.auth_asym_id 
_struct_site_gen.auth_seq_id 
_struct_site_gen.label_atom_id 
_struct_site_gen.label_alt_id 
_struct_site_gen.symmetry 
_struct_site_gen.details 
1 AC1 8 DA A 6 ? DA A 6  . ? 1_555 ? 
2 AC1 8 DT A 8 ? DT A 8  . ? 1_555 ? 
3 AC1 8 DC A 9 ? DC A 9  . ? 1_555 ? 
4 AC1 8 DA B 5 ? DA B 17 . ? 1_555 ? 
5 AC1 8 DA B 6 ? DA B 18 . ? 1_555 ? 
6 AC1 8 DT B 7 ? DT B 19 . ? 1_555 ? 
7 AC1 8 DT B 8 ? DT B 20 . ? 1_555 ? 
8 AC1 8 DC B 9 ? DC B 21 . ? 1_555 ? 
# 
loop_
_pdbx_validate_rmsd_bond.id 
_pdbx_validate_rmsd_bond.PDB_model_num 
_pdbx_validate_rmsd_bond.auth_atom_id_1 
_pdbx_validate_rmsd_bond.auth_asym_id_1 
_pdbx_validate_rmsd_bond.auth_comp_id_1 
_pdbx_validate_rmsd_bond.auth_seq_id_1 
_pdbx_validate_rmsd_bond.PDB_ins_code_1 
_pdbx_validate_rmsd_bond.label_alt_id_1 
_pdbx_validate_rmsd_bond.auth_atom_id_2 
_pdbx_validate_rmsd_bond.auth_asym_id_2 
_pdbx_validate_rmsd_bond.auth_comp_id_2 
_pdbx_validate_rmsd_bond.auth_seq_id_2 
_pdbx_validate_rmsd_bond.PDB_ins_code_2 
_pdbx_validate_rmsd_bond.label_alt_id_2 
_pdbx_validate_rmsd_bond.bond_value 
_pdbx_validate_rmsd_bond.bond_target_value 
_pdbx_validate_rmsd_bond.bond_deviation 
_pdbx_validate_rmsd_bond.bond_standard_deviation 
_pdbx_validate_rmsd_bond.linker_flag 
1 1 "C5'" B DC 13 ? ? "C4'" B DC 13 ? ? 1.577 1.512 0.065  0.007 N 
2 1 N1    B DC 15 ? ? C6    B DC 15 ? ? 1.325 1.367 -0.042 0.006 N 
3 1 "C5'" B DA 18 ? ? "C4'" B DA 18 ? ? 1.570 1.512 0.058  0.007 N 
4 1 C5    B DT 19 ? ? C7    B DT 19 ? ? 1.544 1.496 0.048  0.006 N 
5 1 "C3'" B DG 24 ? ? "C2'" B DG 24 ? ? 1.462 1.516 -0.054 0.008 N 
# 
loop_
_pdbx_validate_rmsd_angle.id 
_pdbx_validate_rmsd_angle.PDB_model_num 
_pdbx_validate_rmsd_angle.auth_atom_id_1 
_pdbx_validate_rmsd_angle.auth_asym_id_1 
_pdbx_validate_rmsd_angle.auth_comp_id_1 
_pdbx_validate_rmsd_angle.auth_seq_id_1 
_pdbx_validate_rmsd_angle.PDB_ins_code_1 
_pdbx_validate_rmsd_angle.label_alt_id_1 
_pdbx_validate_rmsd_angle.auth_atom_id_2 
_pdbx_validate_rmsd_angle.auth_asym_id_2 
_pdbx_validate_rmsd_angle.auth_comp_id_2 
_pdbx_validate_rmsd_angle.auth_seq_id_2 
_pdbx_validate_rmsd_angle.PDB_ins_code_2 
_pdbx_validate_rmsd_angle.label_alt_id_2 
_pdbx_validate_rmsd_angle.auth_atom_id_3 
_pdbx_validate_rmsd_angle.auth_asym_id_3 
_pdbx_validate_rmsd_angle.auth_comp_id_3 
_pdbx_validate_rmsd_angle.auth_seq_id_3 
_pdbx_validate_rmsd_angle.PDB_ins_code_3 
_pdbx_validate_rmsd_angle.label_alt_id_3 
_pdbx_validate_rmsd_angle.angle_value 
_pdbx_validate_rmsd_angle.angle_target_value 
_pdbx_validate_rmsd_angle.angle_deviation 
_pdbx_validate_rmsd_angle.angle_standard_deviation 
_pdbx_validate_rmsd_angle.linker_flag 
1  1 "O4'" A DC 1  ? ? "C1'" A DC 1  ? ? "C2'" A DC 1  ? ? 101.01 105.90 -4.89 0.80 N 
2  1 "O4'" A DC 1  ? ? "C1'" A DC 1  ? ? N1    A DC 1  ? ? 110.49 108.30 2.19  0.30 N 
3  1 N1    A DC 1  ? ? C2    A DC 1  ? ? O2    A DC 1  ? ? 123.61 118.90 4.71  0.60 N 
4  1 C2    A DG 2  ? ? N3    A DG 2  ? ? C4    A DG 2  ? ? 115.06 111.90 3.16  0.50 N 
5  1 "O4'" A DG 4  ? ? "C1'" A DG 4  ? ? N9    A DG 4  ? ? 115.00 108.30 6.70  0.30 N 
6  1 "O4'" A DA 5  ? ? "C1'" A DA 5  ? ? "C2'" A DA 5  ? ? 100.09 105.90 -5.81 0.80 N 
7  1 "C1'" A DT 7  ? ? "O4'" A DT 7  ? ? "C4'" A DT 7  ? ? 103.47 110.10 -6.63 1.00 N 
8  1 "O4'" A DT 7  ? ? "C1'" A DT 7  ? ? "C2'" A DT 7  ? ? 100.35 105.90 -5.55 0.80 N 
9  1 C4    A DT 7  ? ? C5    A DT 7  ? ? C6    A DT 7  ? ? 121.87 118.00 3.87  0.60 N 
10 1 "O4'" A DT 8  ? ? "C1'" A DT 8  ? ? "C2'" A DT 8  ? ? 98.00  105.90 -7.90 0.80 N 
11 1 C4    A DT 8  ? ? C5    A DT 8  ? ? C6    A DT 8  ? ? 121.62 118.00 3.62  0.60 N 
12 1 N3    A DT 8  ? ? C2    A DT 8  ? ? O2    A DT 8  ? ? 117.54 122.30 -4.76 0.60 N 
13 1 C6    A DT 8  ? ? C5    A DT 8  ? ? C7    A DT 8  ? ? 117.35 122.90 -5.55 0.60 N 
14 1 "C3'" A DT 8  ? ? "O3'" A DT 8  ? ? P     A DC 9  ? ? 129.68 119.70 9.98  1.20 Y 
15 1 "O4'" A DC 9  ? ? "C1'" A DC 9  ? ? "C2'" A DC 9  ? ? 98.70  105.90 -7.20 0.80 N 
16 1 N1    A DC 9  ? ? C2    A DC 9  ? ? O2    A DC 9  ? ? 124.14 118.90 5.24  0.60 N 
17 1 "O4'" A DG 10 ? ? "C1'" A DG 10 ? ? N9    A DG 10 ? ? 113.58 108.30 5.28  0.30 N 
18 1 "O4'" A DG 12 ? ? "C4'" A DG 12 ? ? "C3'" A DG 12 ? ? 101.71 104.50 -2.79 0.40 N 
19 1 N1    B DC 13 ? ? C2    B DC 13 ? ? O2    B DC 13 ? ? 123.42 118.90 4.52  0.60 N 
20 1 "O4'" B DC 15 ? ? "C4'" B DC 15 ? ? "C3'" B DC 15 ? ? 101.56 104.50 -2.94 0.40 N 
21 1 "C3'" B DC 15 ? ? "O3'" B DC 15 ? ? P     B DG 16 ? ? 127.90 119.70 8.20  1.20 Y 
22 1 "O4'" B DG 16 ? ? "C1'" B DG 16 ? ? "C2'" B DG 16 ? ? 99.82  105.90 -6.08 0.80 N 
23 1 "O4'" B DG 16 ? ? "C1'" B DG 16 ? ? N9    B DG 16 ? ? 110.18 108.30 1.88  0.30 N 
24 1 C8    B DG 16 ? ? N9    B DG 16 ? ? C4    B DG 16 ? ? 103.65 106.40 -2.75 0.40 N 
25 1 "C3'" B DG 16 ? ? "O3'" B DG 16 ? ? P     B DA 17 ? ? 126.96 119.70 7.26  1.20 Y 
26 1 "O4'" B DA 17 ? ? "C4'" B DA 17 ? ? "C3'" B DA 17 ? ? 101.62 104.50 -2.88 0.40 N 
27 1 "O4'" B DA 17 ? ? "C1'" B DA 17 ? ? N9    B DA 17 ? ? 110.36 108.30 2.06  0.30 N 
28 1 "O4'" B DA 18 ? ? "C1'" B DA 18 ? ? "C2'" B DA 18 ? ? 100.26 105.90 -5.64 0.80 N 
29 1 "O5'" B DT 19 ? ? "C5'" B DT 19 ? ? "C4'" B DT 19 ? ? 104.10 109.40 -5.30 0.80 N 
30 1 "C1'" B DT 19 ? ? "O4'" B DT 19 ? ? "C4'" B DT 19 ? ? 102.59 110.10 -7.51 1.00 N 
31 1 N3    B DT 19 ? ? C2    B DT 19 ? ? O2    B DT 19 ? ? 118.47 122.30 -3.83 0.60 N 
32 1 C4    B DT 19 ? ? C5    B DT 19 ? ? C7    B DT 19 ? ? 123.51 119.00 4.51  0.60 N 
33 1 C6    B DT 19 ? ? C5    B DT 19 ? ? C7    B DT 19 ? ? 116.59 122.90 -6.31 0.60 N 
34 1 "O4'" B DT 20 ? ? "C1'" B DT 20 ? ? "C2'" B DT 20 ? ? 98.10  105.90 -7.80 0.80 N 
35 1 C4    B DT 20 ? ? C5    B DT 20 ? ? C6    B DT 20 ? ? 121.73 118.00 3.73  0.60 N 
36 1 "C3'" B DC 21 ? ? "O3'" B DC 21 ? ? P     B DG 22 ? ? 128.33 119.70 8.63  1.20 Y 
37 1 "O4'" B DG 22 ? ? "C1'" B DG 22 ? ? "C2'" B DG 22 ? ? 100.59 105.90 -5.31 0.80 N 
38 1 "O4'" B DG 22 ? ? "C1'" B DG 22 ? ? N9    B DG 22 ? ? 113.10 108.30 4.80  0.30 N 
39 1 "O4'" B DC 23 ? ? "C1'" B DC 23 ? ? N1    B DC 23 ? ? 114.15 108.30 5.85  0.30 N 
40 1 C5    B DG 24 ? ? C6    B DG 24 ? ? N1    B DG 24 ? ? 114.65 111.50 3.15  0.50 N 
# 
loop_
_pdbx_validate_planes.id 
_pdbx_validate_planes.PDB_model_num 
_pdbx_validate_planes.auth_comp_id 
_pdbx_validate_planes.auth_asym_id 
_pdbx_validate_planes.auth_seq_id 
_pdbx_validate_planes.PDB_ins_code 
_pdbx_validate_planes.label_alt_id 
_pdbx_validate_planes.rmsd 
_pdbx_validate_planes.type 
1 1 DC A 3  ? ? 0.084 'SIDE CHAIN' 
2 1 DA B 18 ? ? 0.055 'SIDE CHAIN' 
# 
_struct_site_keywords.site_id   1 
_struct_site_keywords.text      'MINOR GROOVE BINDER' 
# 
loop_
_refine_B_iso.class 
_refine_B_iso.details 
_refine_B_iso.treatment 
_refine_B_iso.pdbx_refine_id 
'ALL ATOMS'  TR isotropic 'X-RAY DIFFRACTION' 
'ALL WATERS' TR isotropic 'X-RAY DIFFRACTION' 
# 
loop_
_refine_occupancy.class 
_refine_occupancy.treatment 
_refine_occupancy.pdbx_refine_id 
'ALL ATOMS'  fix 'X-RAY DIFFRACTION' 
'ALL WATERS' fix 'X-RAY DIFFRACTION' 
# 
loop_
_chem_comp_atom.comp_id 
_chem_comp_atom.atom_id 
_chem_comp_atom.type_symbol 
_chem_comp_atom.pdbx_aromatic_flag 
_chem_comp_atom.pdbx_stereo_config 
_chem_comp_atom.pdbx_ordinal 
DA  OP3    O N N 1   
DA  P      P N N 2   
DA  OP1    O N N 3   
DA  OP2    O N N 4   
DA  "O5'"  O N N 5   
DA  "C5'"  C N N 6   
DA  "C4'"  C N R 7   
DA  "O4'"  O N N 8   
DA  "C3'"  C N S 9   
DA  "O3'"  O N N 10  
DA  "C2'"  C N N 11  
DA  "C1'"  C N R 12  
DA  N9     N Y N 13  
DA  C8     C Y N 14  
DA  N7     N Y N 15  
DA  C5     C Y N 16  
DA  C6     C Y N 17  
DA  N6     N N N 18  
DA  N1     N Y N 19  
DA  C2     C Y N 20  
DA  N3     N Y N 21  
DA  C4     C Y N 22  
DA  HOP3   H N N 23  
DA  HOP2   H N N 24  
DA  "H5'"  H N N 25  
DA  "H5''" H N N 26  
DA  "H4'"  H N N 27  
DA  "H3'"  H N N 28  
DA  "HO3'" H N N 29  
DA  "H2'"  H N N 30  
DA  "H2''" H N N 31  
DA  "H1'"  H N N 32  
DA  H8     H N N 33  
DA  H61    H N N 34  
DA  H62    H N N 35  
DA  H2     H N N 36  
DC  OP3    O N N 37  
DC  P      P N N 38  
DC  OP1    O N N 39  
DC  OP2    O N N 40  
DC  "O5'"  O N N 41  
DC  "C5'"  C N N 42  
DC  "C4'"  C N R 43  
DC  "O4'"  O N N 44  
DC  "C3'"  C N S 45  
DC  "O3'"  O N N 46  
DC  "C2'"  C N N 47  
DC  "C1'"  C N R 48  
DC  N1     N N N 49  
DC  C2     C N N 50  
DC  O2     O N N 51  
DC  N3     N N N 52  
DC  C4     C N N 53  
DC  N4     N N N 54  
DC  C5     C N N 55  
DC  C6     C N N 56  
DC  HOP3   H N N 57  
DC  HOP2   H N N 58  
DC  "H5'"  H N N 59  
DC  "H5''" H N N 60  
DC  "H4'"  H N N 61  
DC  "H3'"  H N N 62  
DC  "HO3'" H N N 63  
DC  "H2'"  H N N 64  
DC  "H2''" H N N 65  
DC  "H1'"  H N N 66  
DC  H41    H N N 67  
DC  H42    H N N 68  
DC  H5     H N N 69  
DC  H6     H N N 70  
DG  OP3    O N N 71  
DG  P      P N N 72  
DG  OP1    O N N 73  
DG  OP2    O N N 74  
DG  "O5'"  O N N 75  
DG  "C5'"  C N N 76  
DG  "C4'"  C N R 77  
DG  "O4'"  O N N 78  
DG  "C3'"  C N S 79  
DG  "O3'"  O N N 80  
DG  "C2'"  C N N 81  
DG  "C1'"  C N R 82  
DG  N9     N Y N 83  
DG  C8     C Y N 84  
DG  N7     N Y N 85  
DG  C5     C Y N 86  
DG  C6     C N N 87  
DG  O6     O N N 88  
DG  N1     N N N 89  
DG  C2     C N N 90  
DG  N2     N N N 91  
DG  N3     N N N 92  
DG  C4     C Y N 93  
DG  HOP3   H N N 94  
DG  HOP2   H N N 95  
DG  "H5'"  H N N 96  
DG  "H5''" H N N 97  
DG  "H4'"  H N N 98  
DG  "H3'"  H N N 99  
DG  "HO3'" H N N 100 
DG  "H2'"  H N N 101 
DG  "H2''" H N N 102 
DG  "H1'"  H N N 103 
DG  H8     H N N 104 
DG  H1     H N N 105 
DG  H21    H N N 106 
DG  H22    H N N 107 
DT  OP3    O N N 108 
DT  P      P N N 109 
DT  OP1    O N N 110 
DT  OP2    O N N 111 
DT  "O5'"  O N N 112 
DT  "C5'"  C N N 113 
DT  "C4'"  C N R 114 
DT  "O4'"  O N N 115 
DT  "C3'"  C N S 116 
DT  "O3'"  O N N 117 
DT  "C2'"  C N N 118 
DT  "C1'"  C N R 119 
DT  N1     N N N 120 
DT  C2     C N N 121 
DT  O2     O N N 122 
DT  N3     N N N 123 
DT  C4     C N N 124 
DT  O4     O N N 125 
DT  C5     C N N 126 
DT  C7     C N N 127 
DT  C6     C N N 128 
DT  HOP3   H N N 129 
DT  HOP2   H N N 130 
DT  "H5'"  H N N 131 
DT  "H5''" H N N 132 
DT  "H4'"  H N N 133 
DT  "H3'"  H N N 134 
DT  "HO3'" H N N 135 
DT  "H2'"  H N N 136 
DT  "H2''" H N N 137 
DT  "H1'"  H N N 138 
DT  H3     H N N 139 
DT  H71    H N N 140 
DT  H72    H N N 141 
DT  H73    H N N 142 
DT  H6     H N N 143 
HOH O      O N N 144 
HOH H1     H N N 145 
HOH H2     H N N 146 
TNT C1     C Y N 147 
TNT C2     C Y N 148 
TNT C3     C Y N 149 
TNT C4     C Y N 150 
TNT C5     C Y N 151 
TNT C6     C Y N 152 
TNT C7     C N N 153 
TNT N1     N N N 154 
TNT N2     N N N 155 
TNT "C1'"  C Y N 156 
TNT "C2'"  C Y N 157 
TNT "C3'"  C Y N 158 
TNT "C4'"  C Y N 159 
TNT "C5'"  C Y N 160 
TNT "C6'"  C Y N 161 
TNT "C7'"  C N N 162 
TNT "N1'"  N N N 163 
TNT "N2'"  N N N 164 
TNT CA     C N N 165 
TNT O1     O N N 166 
TNT CB     C N N 167 
TNT "CA'"  C N N 168 
TNT "O1'"  O N N 169 
TNT H2     H N N 170 
TNT H3     H N N 171 
TNT H5     H N N 172 
TNT H6     H N N 173 
TNT HN1    H N N 174 
TNT HN2    H N N 175 
TNT HN3    H N N 176 
TNT "H2'"  H N N 177 
TNT "H3'"  H N N 178 
TNT "H5'"  H N N 179 
TNT "H6'"  H N N 180 
TNT "HN'1" H N N 181 
TNT "HN'2" H N N 182 
TNT "HN'3" H N N 183 
TNT HA1    H N N 184 
TNT HA2    H N N 185 
TNT HB1    H N N 186 
TNT HB2    H N N 187 
TNT "HA'1" H N N 188 
TNT "HA'2" H N N 189 
# 
loop_
_chem_comp_bond.comp_id 
_chem_comp_bond.atom_id_1 
_chem_comp_bond.atom_id_2 
_chem_comp_bond.value_order 
_chem_comp_bond.pdbx_aromatic_flag 
_chem_comp_bond.pdbx_stereo_config 
_chem_comp_bond.pdbx_ordinal 
DA  OP3   P      sing N N 1   
DA  OP3   HOP3   sing N N 2   
DA  P     OP1    doub N N 3   
DA  P     OP2    sing N N 4   
DA  P     "O5'"  sing N N 5   
DA  OP2   HOP2   sing N N 6   
DA  "O5'" "C5'"  sing N N 7   
DA  "C5'" "C4'"  sing N N 8   
DA  "C5'" "H5'"  sing N N 9   
DA  "C5'" "H5''" sing N N 10  
DA  "C4'" "O4'"  sing N N 11  
DA  "C4'" "C3'"  sing N N 12  
DA  "C4'" "H4'"  sing N N 13  
DA  "O4'" "C1'"  sing N N 14  
DA  "C3'" "O3'"  sing N N 15  
DA  "C3'" "C2'"  sing N N 16  
DA  "C3'" "H3'"  sing N N 17  
DA  "O3'" "HO3'" sing N N 18  
DA  "C2'" "C1'"  sing N N 19  
DA  "C2'" "H2'"  sing N N 20  
DA  "C2'" "H2''" sing N N 21  
DA  "C1'" N9     sing N N 22  
DA  "C1'" "H1'"  sing N N 23  
DA  N9    C8     sing Y N 24  
DA  N9    C4     sing Y N 25  
DA  C8    N7     doub Y N 26  
DA  C8    H8     sing N N 27  
DA  N7    C5     sing Y N 28  
DA  C5    C6     sing Y N 29  
DA  C5    C4     doub Y N 30  
DA  C6    N6     sing N N 31  
DA  C6    N1     doub Y N 32  
DA  N6    H61    sing N N 33  
DA  N6    H62    sing N N 34  
DA  N1    C2     sing Y N 35  
DA  C2    N3     doub Y N 36  
DA  C2    H2     sing N N 37  
DA  N3    C4     sing Y N 38  
DC  OP3   P      sing N N 39  
DC  OP3   HOP3   sing N N 40  
DC  P     OP1    doub N N 41  
DC  P     OP2    sing N N 42  
DC  P     "O5'"  sing N N 43  
DC  OP2   HOP2   sing N N 44  
DC  "O5'" "C5'"  sing N N 45  
DC  "C5'" "C4'"  sing N N 46  
DC  "C5'" "H5'"  sing N N 47  
DC  "C5'" "H5''" sing N N 48  
DC  "C4'" "O4'"  sing N N 49  
DC  "C4'" "C3'"  sing N N 50  
DC  "C4'" "H4'"  sing N N 51  
DC  "O4'" "C1'"  sing N N 52  
DC  "C3'" "O3'"  sing N N 53  
DC  "C3'" "C2'"  sing N N 54  
DC  "C3'" "H3'"  sing N N 55  
DC  "O3'" "HO3'" sing N N 56  
DC  "C2'" "C1'"  sing N N 57  
DC  "C2'" "H2'"  sing N N 58  
DC  "C2'" "H2''" sing N N 59  
DC  "C1'" N1     sing N N 60  
DC  "C1'" "H1'"  sing N N 61  
DC  N1    C2     sing N N 62  
DC  N1    C6     sing N N 63  
DC  C2    O2     doub N N 64  
DC  C2    N3     sing N N 65  
DC  N3    C4     doub N N 66  
DC  C4    N4     sing N N 67  
DC  C4    C5     sing N N 68  
DC  N4    H41    sing N N 69  
DC  N4    H42    sing N N 70  
DC  C5    C6     doub N N 71  
DC  C5    H5     sing N N 72  
DC  C6    H6     sing N N 73  
DG  OP3   P      sing N N 74  
DG  OP3   HOP3   sing N N 75  
DG  P     OP1    doub N N 76  
DG  P     OP2    sing N N 77  
DG  P     "O5'"  sing N N 78  
DG  OP2   HOP2   sing N N 79  
DG  "O5'" "C5'"  sing N N 80  
DG  "C5'" "C4'"  sing N N 81  
DG  "C5'" "H5'"  sing N N 82  
DG  "C5'" "H5''" sing N N 83  
DG  "C4'" "O4'"  sing N N 84  
DG  "C4'" "C3'"  sing N N 85  
DG  "C4'" "H4'"  sing N N 86  
DG  "O4'" "C1'"  sing N N 87  
DG  "C3'" "O3'"  sing N N 88  
DG  "C3'" "C2'"  sing N N 89  
DG  "C3'" "H3'"  sing N N 90  
DG  "O3'" "HO3'" sing N N 91  
DG  "C2'" "C1'"  sing N N 92  
DG  "C2'" "H2'"  sing N N 93  
DG  "C2'" "H2''" sing N N 94  
DG  "C1'" N9     sing N N 95  
DG  "C1'" "H1'"  sing N N 96  
DG  N9    C8     sing Y N 97  
DG  N9    C4     sing Y N 98  
DG  C8    N7     doub Y N 99  
DG  C8    H8     sing N N 100 
DG  N7    C5     sing Y N 101 
DG  C5    C6     sing N N 102 
DG  C5    C4     doub Y N 103 
DG  C6    O6     doub N N 104 
DG  C6    N1     sing N N 105 
DG  N1    C2     sing N N 106 
DG  N1    H1     sing N N 107 
DG  C2    N2     sing N N 108 
DG  C2    N3     doub N N 109 
DG  N2    H21    sing N N 110 
DG  N2    H22    sing N N 111 
DG  N3    C4     sing N N 112 
DT  OP3   P      sing N N 113 
DT  OP3   HOP3   sing N N 114 
DT  P     OP1    doub N N 115 
DT  P     OP2    sing N N 116 
DT  P     "O5'"  sing N N 117 
DT  OP2   HOP2   sing N N 118 
DT  "O5'" "C5'"  sing N N 119 
DT  "C5'" "C4'"  sing N N 120 
DT  "C5'" "H5'"  sing N N 121 
DT  "C5'" "H5''" sing N N 122 
DT  "C4'" "O4'"  sing N N 123 
DT  "C4'" "C3'"  sing N N 124 
DT  "C4'" "H4'"  sing N N 125 
DT  "O4'" "C1'"  sing N N 126 
DT  "C3'" "O3'"  sing N N 127 
DT  "C3'" "C2'"  sing N N 128 
DT  "C3'" "H3'"  sing N N 129 
DT  "O3'" "HO3'" sing N N 130 
DT  "C2'" "C1'"  sing N N 131 
DT  "C2'" "H2'"  sing N N 132 
DT  "C2'" "H2''" sing N N 133 
DT  "C1'" N1     sing N N 134 
DT  "C1'" "H1'"  sing N N 135 
DT  N1    C2     sing N N 136 
DT  N1    C6     sing N N 137 
DT  C2    O2     doub N N 138 
DT  C2    N3     sing N N 139 
DT  N3    C4     sing N N 140 
DT  N3    H3     sing N N 141 
DT  C4    O4     doub N N 142 
DT  C4    C5     sing N N 143 
DT  C5    C7     sing N N 144 
DT  C5    C6     doub N N 145 
DT  C7    H71    sing N N 146 
DT  C7    H72    sing N N 147 
DT  C7    H73    sing N N 148 
DT  C6    H6     sing N N 149 
HOH O     H1     sing N N 150 
HOH O     H2     sing N N 151 
TNT C1    C2     doub Y N 152 
TNT C1    C6     sing Y N 153 
TNT C1    O1     sing N N 154 
TNT C2    C3     sing Y N 155 
TNT C2    H2     sing N N 156 
TNT C3    C4     doub Y N 157 
TNT C3    H3     sing N N 158 
TNT C4    C5     sing Y N 159 
TNT C4    C7     sing N N 160 
TNT C5    C6     doub Y N 161 
TNT C5    H5     sing N N 162 
TNT C6    H6     sing N N 163 
TNT C7    N1     doub N N 164 
TNT C7    N2     sing N N 165 
TNT N1    HN1    sing N N 166 
TNT N2    HN2    sing N N 167 
TNT N2    HN3    sing N N 168 
TNT "C1'" "C2'"  doub Y N 169 
TNT "C1'" "C6'"  sing Y N 170 
TNT "C1'" "O1'"  sing N N 171 
TNT "C2'" "C3'"  sing Y N 172 
TNT "C2'" "H2'"  sing N N 173 
TNT "C3'" "C4'"  doub Y N 174 
TNT "C3'" "H3'"  sing N N 175 
TNT "C4'" "C5'"  sing Y N 176 
TNT "C4'" "C7'"  sing N N 177 
TNT "C5'" "C6'"  doub Y N 178 
TNT "C5'" "H5'"  sing N N 179 
TNT "C6'" "H6'"  sing N N 180 
TNT "C7'" "N1'"  doub N N 181 
TNT "C7'" "N2'"  sing N N 182 
TNT "N1'" "HN'1" sing N N 183 
TNT "N2'" "HN'2" sing N N 184 
TNT "N2'" "HN'3" sing N N 185 
TNT CA    O1     sing N N 186 
TNT CA    CB     sing N N 187 
TNT CA    HA1    sing N N 188 
TNT CA    HA2    sing N N 189 
TNT CB    "CA'"  sing N N 190 
TNT CB    HB1    sing N N 191 
TNT CB    HB2    sing N N 192 
TNT "CA'" "O1'"  sing N N 193 
TNT "CA'" "HA'1" sing N N 194 
TNT "CA'" "HA'2" sing N N 195 
# 
_ndb_struct_conf_na.entry_id   1PRP 
_ndb_struct_conf_na.feature    'b-form double helix' 
# 
loop_
_ndb_struct_na_base_pair.model_number 
_ndb_struct_na_base_pair.i_label_asym_id 
_ndb_struct_na_base_pair.i_label_comp_id 
_ndb_struct_na_base_pair.i_label_seq_id 
_ndb_struct_na_base_pair.i_symmetry 
_ndb_struct_na_base_pair.j_label_asym_id 
_ndb_struct_na_base_pair.j_label_comp_id 
_ndb_struct_na_base_pair.j_label_seq_id 
_ndb_struct_na_base_pair.j_symmetry 
_ndb_struct_na_base_pair.shear 
_ndb_struct_na_base_pair.stretch 
_ndb_struct_na_base_pair.stagger 
_ndb_struct_na_base_pair.buckle 
_ndb_struct_na_base_pair.propeller 
_ndb_struct_na_base_pair.opening 
_ndb_struct_na_base_pair.pair_number 
_ndb_struct_na_base_pair.pair_name 
_ndb_struct_na_base_pair.i_auth_asym_id 
_ndb_struct_na_base_pair.i_auth_seq_id 
_ndb_struct_na_base_pair.i_PDB_ins_code 
_ndb_struct_na_base_pair.j_auth_asym_id 
_ndb_struct_na_base_pair.j_auth_seq_id 
_ndb_struct_na_base_pair.j_PDB_ins_code 
_ndb_struct_na_base_pair.hbond_type_28 
_ndb_struct_na_base_pair.hbond_type_12 
1 A DC 1  1_555 B DG 12 1_555 0.340  -0.133 0.030  7.339  -16.000 0.840  1  A_DC1:DG24_B  A 1  ? B 24 ? 19 1 
1 A DG 2  1_555 B DC 11 1_555 -0.453 -0.409 0.248  1.681  -11.039 -6.782 2  A_DG2:DC23_B  A 2  ? B 23 ? 19 1 
1 A DC 3  1_555 B DG 10 1_555 0.215  -0.466 0.137  -5.939 -4.305  -2.747 3  A_DC3:DG22_B  A 3  ? B 22 ? 19 1 
1 A DG 4  1_555 B DC 9  1_555 -0.582 -0.133 -0.071 5.899  -10.654 -3.564 4  A_DG4:DC21_B  A 4  ? B 21 ? 19 1 
1 A DA 5  1_555 B DT 8  1_555 0.197  -0.269 -0.289 -0.430 -16.115 -2.831 5  A_DA5:DT20_B  A 5  ? B 20 ? 20 1 
1 A DA 6  1_555 B DT 7  1_555 0.094  -0.059 0.066  -1.109 -22.225 0.169  6  A_DA6:DT19_B  A 6  ? B 19 ? 20 1 
1 A DT 7  1_555 B DA 6  1_555 0.126  -0.156 0.189  0.999  -13.844 7.276  7  A_DT7:DA18_B  A 7  ? B 18 ? 20 1 
1 A DT 8  1_555 B DA 5  1_555 0.203  -0.191 0.011  -4.516 -14.242 3.018  8  A_DT8:DA17_B  A 8  ? B 17 ? 20 1 
1 A DC 9  1_555 B DG 4  1_555 -0.109 -0.204 -0.019 -2.058 -10.329 -0.884 9  A_DC9:DG16_B  A 9  ? B 16 ? 19 1 
1 A DG 10 1_555 B DC 3  1_555 -0.499 -0.415 0.119  2.860  -5.535  0.645  10 A_DG10:DC15_B A 10 ? B 15 ? 19 1 
1 A DC 11 1_555 B DG 2  1_555 -0.075 -0.204 0.242  3.200  -21.403 -8.134 11 A_DC11:DG14_B A 11 ? B 14 ? 19 1 
1 A DG 12 1_555 B DC 1  1_555 -0.192 -0.269 0.045  5.329  15.569  -6.677 12 A_DG12:DC13_B A 12 ? B 13 ? 19 1 
# 
loop_
_ndb_struct_na_base_pair_step.model_number 
_ndb_struct_na_base_pair_step.i_label_asym_id_1 
_ndb_struct_na_base_pair_step.i_label_comp_id_1 
_ndb_struct_na_base_pair_step.i_label_seq_id_1 
_ndb_struct_na_base_pair_step.i_symmetry_1 
_ndb_struct_na_base_pair_step.j_label_asym_id_1 
_ndb_struct_na_base_pair_step.j_label_comp_id_1 
_ndb_struct_na_base_pair_step.j_label_seq_id_1 
_ndb_struct_na_base_pair_step.j_symmetry_1 
_ndb_struct_na_base_pair_step.i_label_asym_id_2 
_ndb_struct_na_base_pair_step.i_label_comp_id_2 
_ndb_struct_na_base_pair_step.i_label_seq_id_2 
_ndb_struct_na_base_pair_step.i_symmetry_2 
_ndb_struct_na_base_pair_step.j_label_asym_id_2 
_ndb_struct_na_base_pair_step.j_label_comp_id_2 
_ndb_struct_na_base_pair_step.j_label_seq_id_2 
_ndb_struct_na_base_pair_step.j_symmetry_2 
_ndb_struct_na_base_pair_step.shift 
_ndb_struct_na_base_pair_step.slide 
_ndb_struct_na_base_pair_step.rise 
_ndb_struct_na_base_pair_step.tilt 
_ndb_struct_na_base_pair_step.roll 
_ndb_struct_na_base_pair_step.twist 
_ndb_struct_na_base_pair_step.x_displacement 
_ndb_struct_na_base_pair_step.y_displacement 
_ndb_struct_na_base_pair_step.helical_rise 
_ndb_struct_na_base_pair_step.inclination 
_ndb_struct_na_base_pair_step.tip 
_ndb_struct_na_base_pair_step.helical_twist 
_ndb_struct_na_base_pair_step.step_number 
_ndb_struct_na_base_pair_step.step_name 
_ndb_struct_na_base_pair_step.i_auth_asym_id_1 
_ndb_struct_na_base_pair_step.i_auth_seq_id_1 
_ndb_struct_na_base_pair_step.i_PDB_ins_code_1 
_ndb_struct_na_base_pair_step.j_auth_asym_id_1 
_ndb_struct_na_base_pair_step.j_auth_seq_id_1 
_ndb_struct_na_base_pair_step.j_PDB_ins_code_1 
_ndb_struct_na_base_pair_step.i_auth_asym_id_2 
_ndb_struct_na_base_pair_step.i_auth_seq_id_2 
_ndb_struct_na_base_pair_step.i_PDB_ins_code_2 
_ndb_struct_na_base_pair_step.j_auth_asym_id_2 
_ndb_struct_na_base_pair_step.j_auth_seq_id_2 
_ndb_struct_na_base_pair_step.j_PDB_ins_code_2 
1 A DC 1  1_555 B DG 12 1_555 A DG 2  1_555 B DC 11 1_555 -0.428 0.099  3.650 -3.815 6.554   33.620 -0.982 0.053  3.630 11.155  
6.494  34.440 1  AA_DC1DG2:DC23DG24_BB   A 1  ? B 24 ? A 2  ? B 23 ? 
1 A DG 2  1_555 B DC 11 1_555 A DC 3  1_555 B DG 10 1_555 0.566  0.513  3.661 2.185  -6.648  40.724 1.522  -0.541 3.562 -9.469  
-3.112 41.295 2  AA_DG2DC3:DG22DC23_BB   A 2  ? B 23 ? A 3  ? B 22 ? 
1 A DC 3  1_555 B DG 10 1_555 A DG 4  1_555 B DC 9  1_555 -0.229 0.701  3.282 3.014  8.841   25.643 -0.802 1.266  3.289 19.129  
-6.521 27.265 3  AA_DC3DG4:DC21DG22_BB   A 3  ? B 22 ? A 4  ? B 21 ? 
1 A DG 4  1_555 B DC 9  1_555 A DA 5  1_555 B DT 8  1_555 -0.129 -0.030 3.446 0.068  4.583   39.477 -0.606 0.199  3.421 6.757   
-0.100 39.732 4  AA_DG4DA5:DT20DC21_BB   A 4  ? B 21 ? A 5  ? B 20 ? 
1 A DA 5  1_555 B DT 8  1_555 A DA 6  1_555 B DT 7  1_555 0.270  -0.270 3.296 -1.035 1.440   38.318 -0.592 -0.541 3.276 2.192   
1.576  38.358 5  AA_DA5DA6:DT19DT20_BB   A 5  ? B 20 ? A 6  ? B 19 ? 
1 A DA 6  1_555 B DT 7  1_555 A DT 7  1_555 B DA 6  1_555 0.427  -0.591 3.291 0.112  1.400   29.880 -1.436 -0.804 3.262 2.713   
-0.217 29.912 6  AA_DA6DT7:DA18DT19_BB   A 6  ? B 19 ? A 7  ? B 18 ? 
1 A DT 7  1_555 B DA 6  1_555 A DT 8  1_555 B DA 5  1_555 -0.385 -0.021 3.429 1.797  0.614   37.400 -0.116 0.847  3.407 0.956   
-2.799 37.446 7  AA_DT7DT8:DA17DA18_BB   A 7  ? B 18 ? A 8  ? B 17 ? 
1 A DT 8  1_555 B DA 5  1_555 A DC 9  1_555 B DG 4  1_555 -0.219 0.016  3.285 -1.285 -1.541  37.232 0.230  0.171  3.287 -2.412  
2.011  37.284 8  AA_DT8DC9:DG16DA17_BB   A 8  ? B 17 ? A 9  ? B 16 ? 
1 A DC 9  1_555 B DG 4  1_555 A DG 10 1_555 B DC 3  1_555 0.337  0.927  3.503 -2.604 3.717   28.737 0.963  -1.290 3.549 7.430   
5.206  29.086 9  AA_DC9DG10:DC15DG16_BB  A 9  ? B 16 ? A 10 ? B 15 ? 
1 A DG 10 1_555 B DC 3  1_555 A DC 11 1_555 B DG 2  1_555 -1.376 0.555  3.449 -4.805 -11.753 41.676 1.951  1.366  3.314 -16.076 
6.572  43.484 10 AA_DG10DC11:DG14DC15_BB A 10 ? B 15 ? A 11 ? B 14 ? 
1 A DC 11 1_555 B DG 2  1_555 A DG 12 1_555 B DC 1  1_555 0.798  0.251  3.671 5.479  -9.260  37.115 1.675  -0.442 3.587 -14.186 
-8.393 38.590 11 AA_DC11DG12:DC13DG14_BB A 11 ? B 14 ? A 12 ? B 13 ? 
# 
_atom_sites.entry_id                    1PRP 
_atom_sites.fract_transf_matrix[1][1]   0.02503800 
_atom_sites.fract_transf_matrix[1][2]   -0.02853622 
_atom_sites.fract_transf_matrix[1][3]   0.01260090 
_atom_sites.fract_transf_matrix[2][1]   -0.01903092 
_atom_sites.fract_transf_matrix[2][2]   -0.01465979 
_atom_sites.fract_transf_matrix[2][3]   0.00461563 
_atom_sites.fract_transf_matrix[3][1]   0.00080528 
_atom_sites.fract_transf_matrix[3][2]   -0.00539807 
_atom_sites.fract_transf_matrix[3][3]   -0.01382466 
_atom_sites.fract_transf_vector[1]      0.389920 
_atom_sites.fract_transf_vector[2]      0.577719 
_atom_sites.fract_transf_vector[3]      0.115307 
# 
loop_
_atom_type.symbol 
C 
N 
O 
P 
# 
loop_
_atom_site.group_PDB 
_atom_site.id 
_atom_site.type_symbol 
_atom_site.label_atom_id 
_atom_site.label_alt_id 
_atom_site.label_comp_id 
_atom_site.label_asym_id 
_atom_site.label_entity_id 
_atom_site.label_seq_id 
_atom_site.pdbx_PDB_ins_code 
_atom_site.Cartn_x 
_atom_site.Cartn_y 
_atom_site.Cartn_z 
_atom_site.occupancy 
_atom_site.B_iso_or_equiv 
_atom_site.pdbx_formal_charge 
_atom_site.auth_seq_id 
_atom_site.auth_comp_id 
_atom_site.auth_asym_id 
_atom_site.auth_atom_id 
_atom_site.pdbx_PDB_model_num 
ATOM   1   O "O5'" . DC  A 1 1  ? -1.406 -20.119 -11.060 1.00 31.78 ? 1  DC  A "O5'" 1 
ATOM   2   C "C5'" . DC  A 1 1  ? -0.973 -19.271 -10.017 1.00 29.16 ? 1  DC  A "C5'" 1 
ATOM   3   C "C4'" . DC  A 1 1  ? 0.480  -18.984 -10.244 1.00 28.05 ? 1  DC  A "C4'" 1 
ATOM   4   O "O4'" . DC  A 1 1  ? 0.673  -18.233 -11.427 1.00 26.26 ? 1  DC  A "O4'" 1 
ATOM   5   C "C3'" . DC  A 1 1  ? 1.035  -18.221 -9.090  1.00 27.90 ? 1  DC  A "C3'" 1 
ATOM   6   O "O3'" . DC  A 1 1  ? 2.320  -18.706 -8.901  1.00 31.02 ? 1  DC  A "O3'" 1 
ATOM   7   C "C2'" . DC  A 1 1  ? 1.092  -16.871 -9.677  1.00 26.10 ? 1  DC  A "C2'" 1 
ATOM   8   C "C1'" . DC  A 1 1  ? 1.516  -17.140 -11.095 1.00 24.33 ? 1  DC  A "C1'" 1 
ATOM   9   N N1    . DC  A 1 1  ? 1.226  -15.971 -11.976 1.00 22.20 ? 1  DC  A N1    1 
ATOM   10  C C2    . DC  A 1 1  ? 2.210  -15.555 -12.850 1.00 19.04 ? 1  DC  A C2    1 
ATOM   11  O O2    . DC  A 1 1  ? 3.332  -16.054 -12.900 1.00 19.74 ? 1  DC  A O2    1 
ATOM   12  N N3    . DC  A 1 1  ? 1.930  -14.514 -13.633 1.00 17.72 ? 1  DC  A N3    1 
ATOM   13  C C4    . DC  A 1 1  ? 0.747  -13.882 -13.578 1.00 19.81 ? 1  DC  A C4    1 
ATOM   14  N N4    . DC  A 1 1  ? 0.559  -12.825 -14.397 1.00 19.59 ? 1  DC  A N4    1 
ATOM   15  C C5    . DC  A 1 1  ? -0.293 -14.292 -12.673 1.00 19.46 ? 1  DC  A C5    1 
ATOM   16  C C6    . DC  A 1 1  ? -0.001 -15.343 -11.895 1.00 20.60 ? 1  DC  A C6    1 
ATOM   17  P P     . DG  A 1 2  ? 2.779  -19.194 -7.491  1.00 35.23 ? 2  DG  A P     1 
ATOM   18  O OP1   . DG  A 1 2  ? 2.868  -20.678 -7.448  1.00 35.98 ? 2  DG  A OP1   1 
ATOM   19  O OP2   . DG  A 1 2  ? 1.944  -18.456 -6.519  1.00 35.20 ? 2  DG  A OP2   1 
ATOM   20  O "O5'" . DG  A 1 2  ? 4.209  -18.565 -7.395  1.00 31.58 ? 2  DG  A "O5'" 1 
ATOM   21  C "C5'" . DG  A 1 2  ? 5.087  -18.652 -8.530  1.00 28.42 ? 2  DG  A "C5'" 1 
ATOM   22  C "C4'" . DG  A 1 2  ? 6.142  -17.571 -8.567  1.00 24.59 ? 2  DG  A "C4'" 1 
ATOM   23  O "O4'" . DG  A 1 2  ? 5.819  -16.508 -9.467  1.00 23.12 ? 2  DG  A "O4'" 1 
ATOM   24  C "C3'" . DG  A 1 2  ? 6.258  -17.023 -7.201  1.00 24.10 ? 2  DG  A "C3'" 1 
ATOM   25  O "O3'" . DG  A 1 2  ? 7.678  -16.893 -6.995  1.00 27.60 ? 2  DG  A "O3'" 1 
ATOM   26  C "C2'" . DG  A 1 2  ? 5.451  -15.734 -7.389  1.00 21.43 ? 2  DG  A "C2'" 1 
ATOM   27  C "C1'" . DG  A 1 2  ? 5.791  -15.300 -8.768  1.00 18.09 ? 2  DG  A "C1'" 1 
ATOM   28  N N9    . DG  A 1 2  ? 4.761  -14.441 -9.350  1.00 15.69 ? 2  DG  A N9    1 
ATOM   29  C C8    . DG  A 1 2  ? 3.429  -14.366 -9.050  1.00 13.26 ? 2  DG  A C8    1 
ATOM   30  N N7    . DG  A 1 2  ? 2.794  -13.456 -9.750  1.00 13.89 ? 2  DG  A N7    1 
ATOM   31  C C5    . DG  A 1 2  ? 3.779  -12.902 -10.560 1.00 12.02 ? 2  DG  A C5    1 
ATOM   32  C C6    . DG  A 1 2  ? 3.705  -11.886 -11.499 1.00 13.53 ? 2  DG  A C6    1 
ATOM   33  O O6    . DG  A 1 2  ? 2.700  -11.265 -11.802 1.00 16.14 ? 2  DG  A O6    1 
ATOM   34  N N1    . DG  A 1 2  ? 4.928  -11.579 -12.099 1.00 12.48 ? 2  DG  A N1    1 
ATOM   35  C C2    . DG  A 1 2  ? 6.093  -12.205 -11.799 1.00 10.89 ? 2  DG  A C2    1 
ATOM   36  N N2    . DG  A 1 2  ? 7.219  -11.813 -12.375 1.00 11.81 ? 2  DG  A N2    1 
ATOM   37  N N3    . DG  A 1 2  ? 6.151  -13.172 -10.914 1.00 13.61 ? 2  DG  A N3    1 
ATOM   38  C C4    . DG  A 1 2  ? 4.975  -13.483 -10.328 1.00 13.82 ? 2  DG  A C4    1 
ATOM   39  P P     . DC  A 1 3  ? 8.442  -16.756 -5.568  1.00 26.99 ? 3  DC  A P     1 
ATOM   40  O OP1   . DC  A 1 3  ? 9.344  -17.925 -5.370  1.00 28.02 ? 3  DC  A OP1   1 
ATOM   41  O OP2   . DC  A 1 3  ? 7.491  -16.340 -4.525  1.00 26.42 ? 3  DC  A OP2   1 
ATOM   42  O "O5'" . DC  A 1 3  ? 9.305  -15.437 -5.822  1.00 26.55 ? 3  DC  A "O5'" 1 
ATOM   43  C "C5'" . DC  A 1 3  ? 10.176 -15.249 -6.915  1.00 24.91 ? 3  DC  A "C5'" 1 
ATOM   44  C "C4'" . DC  A 1 3  ? 10.090 -13.843 -7.510  1.00 24.65 ? 3  DC  A "C4'" 1 
ATOM   45  O "O4'" . DC  A 1 3  ? 8.776  -13.570 -7.950  1.00 23.53 ? 3  DC  A "O4'" 1 
ATOM   46  C "C3'" . DC  A 1 3  ? 10.361 -12.737 -6.524  1.00 25.23 ? 3  DC  A "C3'" 1 
ATOM   47  O "O3'" . DC  A 1 3  ? 11.786 -12.658 -6.345  1.00 28.80 ? 3  DC  A "O3'" 1 
ATOM   48  C "C2'" . DC  A 1 3  ? 9.803  -11.564 -7.326  1.00 24.42 ? 3  DC  A "C2'" 1 
ATOM   49  C "C1'" . DC  A 1 3  ? 8.718  -12.143 -8.192  1.00 21.27 ? 3  DC  A "C1'" 1 
ATOM   50  N N1    . DC  A 1 3  ? 7.366  -11.639 -7.856  1.00 17.30 ? 3  DC  A N1    1 
ATOM   51  C C2    . DC  A 1 3  ? 6.839  -10.657 -8.639  1.00 15.92 ? 3  DC  A C2    1 
ATOM   52  O O2    . DC  A 1 3  ? 7.519  -10.056 -9.485  1.00 16.59 ? 3  DC  A O2    1 
ATOM   53  N N3    . DC  A 1 3  ? 5.531  -10.349 -8.469  1.00 13.18 ? 3  DC  A N3    1 
ATOM   54  C C4    . DC  A 1 3  ? 4.790  -10.980 -7.565  1.00 13.39 ? 3  DC  A C4    1 
ATOM   55  N N4    . DC  A 1 3  ? 3.492  -10.747 -7.522  1.00 14.37 ? 3  DC  A N4    1 
ATOM   56  C C5    . DC  A 1 3  ? 5.322  -11.976 -6.720  1.00 14.29 ? 3  DC  A C5    1 
ATOM   57  C C6    . DC  A 1 3  ? 6.616  -12.265 -6.906  1.00 16.83 ? 3  DC  A C6    1 
ATOM   58  P P     . DG  A 1 4  ? 12.549 -11.710 -5.284  1.00 29.05 ? 4  DG  A P     1 
ATOM   59  O OP1   . DG  A 1 4  ? 13.883 -12.305 -5.129  1.00 29.60 ? 4  DG  A OP1   1 
ATOM   60  O OP2   . DG  A 1 4  ? 11.675 -11.501 -4.107  1.00 30.49 ? 4  DG  A OP2   1 
ATOM   61  O "O5'" . DG  A 1 4  ? 12.687 -10.325 -6.034  1.00 27.96 ? 4  DG  A "O5'" 1 
ATOM   62  C "C5'" . DG  A 1 4  ? 13.249 -10.153 -7.334  1.00 27.32 ? 4  DG  A "C5'" 1 
ATOM   63  C "C4'" . DG  A 1 4  ? 13.040 -8.726  -7.802  1.00 25.82 ? 4  DG  A "C4'" 1 
ATOM   64  O "O4'" . DG  A 1 4  ? 11.651 -8.439  -8.003  1.00 25.11 ? 4  DG  A "O4'" 1 
ATOM   65  C "C3'" . DG  A 1 4  ? 13.493 -7.775  -6.711  1.00 27.10 ? 4  DG  A "C3'" 1 
ATOM   66  O "O3'" . DG  A 1 4  ? 13.924 -6.600  -7.348  1.00 30.96 ? 4  DG  A "O3'" 1 
ATOM   67  C "C2'" . DG  A 1 4  ? 12.249 -7.534  -5.907  1.00 25.19 ? 4  DG  A "C2'" 1 
ATOM   68  C "C1'" . DG  A 1 4  ? 11.193 -7.519  -6.975  1.00 23.28 ? 4  DG  A "C1'" 1 
ATOM   69  N N9    . DG  A 1 4  ? 9.881  -7.871  -6.352  1.00 18.60 ? 4  DG  A N9    1 
ATOM   70  C C8    . DG  A 1 4  ? 9.535  -8.719  -5.327  1.00 16.83 ? 4  DG  A C8    1 
ATOM   71  N N7    . DG  A 1 4  ? 8.232  -8.797  -5.134  1.00 16.94 ? 4  DG  A N7    1 
ATOM   72  C C5    . DG  A 1 4  ? 7.693  -7.928  -6.095  1.00 16.87 ? 4  DG  A C5    1 
ATOM   73  C C6    . DG  A 1 4  ? 6.336  -7.575  -6.399  1.00 16.69 ? 4  DG  A C6    1 
ATOM   74  O O6    . DG  A 1 4  ? 5.265  -7.999  -5.940  1.00 20.02 ? 4  DG  A O6    1 
ATOM   75  N N1    . DG  A 1 4  ? 6.241  -6.648  -7.426  1.00 16.62 ? 4  DG  A N1    1 
ATOM   76  C C2    . DG  A 1 4  ? 7.309  -6.114  -8.117  1.00 17.20 ? 4  DG  A C2    1 
ATOM   77  N N2    . DG  A 1 4  ? 7.014  -5.242  -9.075  1.00 15.34 ? 4  DG  A N2    1 
ATOM   78  N N3    . DG  A 1 4  ? 8.591  -6.450  -7.848  1.00 18.20 ? 4  DG  A N3    1 
ATOM   79  C C4    . DG  A 1 4  ? 8.703  -7.365  -6.830  1.00 18.18 ? 4  DG  A C4    1 
ATOM   80  P P     . DA  A 1 5  ? 14.586 -5.375  -6.604  1.00 33.07 ? 5  DA  A P     1 
ATOM   81  O OP1   . DA  A 1 5  ? 15.829 -5.085  -7.361  1.00 32.52 ? 5  DA  A OP1   1 
ATOM   82  O OP2   . DA  A 1 5  ? 14.566 -5.603  -5.135  1.00 32.63 ? 5  DA  A OP2   1 
ATOM   83  O "O5'" . DA  A 1 5  ? 13.587 -4.178  -6.902  1.00 33.42 ? 5  DA  A "O5'" 1 
ATOM   84  C "C5'" . DA  A 1 5  ? 13.263 -3.783  -8.243  1.00 29.59 ? 5  DA  A "C5'" 1 
ATOM   85  C "C4'" . DA  A 1 5  ? 12.088 -2.867  -8.249  1.00 26.74 ? 5  DA  A "C4'" 1 
ATOM   86  O "O4'" . DA  A 1 5  ? 10.960 -3.516  -7.698  1.00 24.09 ? 5  DA  A "O4'" 1 
ATOM   87  C "C3'" . DA  A 1 5  ? 12.376 -1.693  -7.366  1.00 26.60 ? 5  DA  A "C3'" 1 
ATOM   88  O "O3'" . DA  A 1 5  ? 12.010 -0.582  -8.210  1.00 30.17 ? 5  DA  A "O3'" 1 
ATOM   89  C "C2'" . DA  A 1 5  ? 11.480 -1.994  -6.169  1.00 23.60 ? 5  DA  A "C2'" 1 
ATOM   90  C "C1'" . DA  A 1 5  ? 10.305 -2.690  -6.776  1.00 21.76 ? 5  DA  A "C1'" 1 
ATOM   91  N N9    . DA  A 1 5  ? 9.602  -3.586  -5.867  1.00 20.21 ? 5  DA  A N9    1 
ATOM   92  C C8    . DA  A 1 5  ? 10.131 -4.468  -4.953  1.00 18.86 ? 5  DA  A C8    1 
ATOM   93  N N7    . DA  A 1 5  ? 9.243  -5.130  -4.241  1.00 19.30 ? 5  DA  A N7    1 
ATOM   94  C C5    . DA  A 1 5  ? 8.022  -4.659  -4.724  1.00 18.74 ? 5  DA  A C5    1 
ATOM   95  C C6    . DA  A 1 5  ? 6.701  -4.967  -4.369  1.00 17.94 ? 5  DA  A C6    1 
ATOM   96  N N6    . DA  A 1 5  ? 6.396  -5.914  -3.511  1.00 15.91 ? 5  DA  A N6    1 
ATOM   97  N N1    . DA  A 1 5  ? 5.714  -4.316  -4.997  1.00 20.25 ? 5  DA  A N1    1 
ATOM   98  C C2    . DA  A 1 5  ? 6.041  -3.426  -5.937  1.00 20.52 ? 5  DA  A C2    1 
ATOM   99  N N3    . DA  A 1 5  ? 7.248  -3.040  -6.385  1.00 20.87 ? 5  DA  A N3    1 
ATOM   100 C C4    . DA  A 1 5  ? 8.221  -3.711  -5.718  1.00 20.32 ? 5  DA  A C4    1 
ATOM   101 P P     . DA  A 1 6  ? 11.991 0.998   -7.765  1.00 32.48 ? 6  DA  A P     1 
ATOM   102 O OP1   . DA  A 1 6  ? 12.203 1.731   -9.027  1.00 32.81 ? 6  DA  A OP1   1 
ATOM   103 O OP2   . DA  A 1 6  ? 12.955 1.181   -6.653  1.00 33.76 ? 6  DA  A OP2   1 
ATOM   104 O "O5'" . DA  A 1 6  ? 10.491 1.380   -7.192  1.00 31.41 ? 6  DA  A "O5'" 1 
ATOM   105 C "C5'" . DA  A 1 6  ? 9.406  1.602   -8.111  1.00 26.67 ? 6  DA  A "C5'" 1 
ATOM   106 C "C4'" . DA  A 1 6  ? 8.052  1.865   -7.505  1.00 21.80 ? 6  DA  A "C4'" 1 
ATOM   107 O "O4'" . DA  A 1 6  ? 7.702  0.755   -6.702  1.00 20.37 ? 6  DA  A "O4'" 1 
ATOM   108 C "C3'" . DA  A 1 6  ? 8.035  3.076   -6.640  1.00 20.95 ? 6  DA  A "C3'" 1 
ATOM   109 O "O3'" . DA  A 1 6  ? 6.833  3.746   -6.989  1.00 21.52 ? 6  DA  A "O3'" 1 
ATOM   110 C "C2'" . DA  A 1 6  ? 8.035  2.470   -5.267  1.00 19.99 ? 6  DA  A "C2'" 1 
ATOM   111 C "C1'" . DA  A 1 6  ? 7.275  1.188   -5.422  1.00 18.00 ? 6  DA  A "C1'" 1 
ATOM   112 N N9    . DA  A 1 6  ? 7.607  0.129   -4.419  1.00 16.20 ? 6  DA  A N9    1 
ATOM   113 C C8    . DA  A 1 6  ? 8.831  -0.239  -3.917  1.00 15.26 ? 6  DA  A C8    1 
ATOM   114 N N7    . DA  A 1 6  ? 8.750  -1.175  -2.992  1.00 15.43 ? 6  DA  A N7    1 
ATOM   115 C C5    . DA  A 1 6  ? 7.384  -1.451  -2.870  1.00 13.35 ? 6  DA  A C5    1 
ATOM   116 C C6    . DA  A 1 6  ? 6.637  -2.335  -2.042  1.00 13.73 ? 6  DA  A C6    1 
ATOM   117 N N6    . DA  A 1 6  ? 7.176  -3.237  -1.216  1.00 12.39 ? 6  DA  A N6    1 
ATOM   118 N N1    . DA  A 1 6  ? 5.314  -2.331  -2.150  1.00 12.05 ? 6  DA  A N1    1 
ATOM   119 C C2    . DA  A 1 6  ? 4.796  -1.524  -3.036  1.00 15.11 ? 6  DA  A C2    1 
ATOM   120 N N3    . DA  A 1 6  ? 5.362  -0.662  -3.879  1.00 14.79 ? 6  DA  A N3    1 
ATOM   121 C C4    . DA  A 1 6  ? 6.692  -0.669  -3.736  1.00 14.54 ? 6  DA  A C4    1 
ATOM   122 P P     . DT  A 1 7  ? 6.619  5.179   -6.401  1.00 22.33 ? 7  DT  A P     1 
ATOM   123 O OP1   . DT  A 1 7  ? 5.776  6.014   -7.252  1.00 21.97 ? 7  DT  A OP1   1 
ATOM   124 O OP2   . DT  A 1 7  ? 7.881  5.688   -5.847  1.00 24.19 ? 7  DT  A OP2   1 
ATOM   125 O "O5'" . DT  A 1 7  ? 5.769  4.785   -5.157  1.00 21.79 ? 7  DT  A "O5'" 1 
ATOM   126 C "C5'" . DT  A 1 7  ? 4.485  4.322   -5.386  1.00 20.68 ? 7  DT  A "C5'" 1 
ATOM   127 C "C4'" . DT  A 1 7  ? 3.897  3.792   -4.084  1.00 22.23 ? 7  DT  A "C4'" 1 
ATOM   128 O "O4'" . DT  A 1 7  ? 4.734  2.812   -3.445  1.00 23.42 ? 7  DT  A "O4'" 1 
ATOM   129 C "C3'" . DT  A 1 7  ? 3.742  4.918   -3.111  1.00 21.97 ? 7  DT  A "C3'" 1 
ATOM   130 O "O3'" . DT  A 1 7  ? 2.356  5.114   -3.059  1.00 23.49 ? 7  DT  A "O3'" 1 
ATOM   131 C "C2'" . DT  A 1 7  ? 4.356  4.374   -1.861  1.00 20.48 ? 7  DT  A "C2'" 1 
ATOM   132 C "C1'" . DT  A 1 7  ? 4.340  2.881   -2.072  1.00 19.59 ? 7  DT  A "C1'" 1 
ATOM   133 N N1    . DT  A 1 7  ? 5.342  2.152   -1.317  1.00 16.24 ? 7  DT  A N1    1 
ATOM   134 C C2    . DT  A 1 7  ? 4.929  1.109   -0.515  1.00 17.29 ? 7  DT  A C2    1 
ATOM   135 O O2    . DT  A 1 7  ? 3.737  0.816   -0.346  1.00 17.97 ? 7  DT  A O2    1 
ATOM   136 N N3    . DT  A 1 7  ? 5.960  0.381   0.098   1.00 16.08 ? 7  DT  A N3    1 
ATOM   137 C C4    . DT  A 1 7  ? 7.303  0.634   -0.048  1.00 16.13 ? 7  DT  A C4    1 
ATOM   138 O O4    . DT  A 1 7  ? 8.174  -0.094  0.411   1.00 20.99 ? 7  DT  A O4    1 
ATOM   139 C C5    . DT  A 1 7  ? 7.608  1.726   -0.868  1.00 15.83 ? 7  DT  A C5    1 
ATOM   140 C C7    . DT  A 1 7  ? 9.072  2.039   -1.067  1.00 15.35 ? 7  DT  A C7    1 
ATOM   141 C C6    . DT  A 1 7  ? 6.656  2.445   -1.467  1.00 16.28 ? 7  DT  A C6    1 
ATOM   142 P P     . DT  A 1 8  ? 1.659  6.359   -2.391  1.00 25.16 ? 8  DT  A P     1 
ATOM   143 O OP1   . DT  A 1 8  ? 0.565  6.745   -3.301  1.00 25.43 ? 8  DT  A OP1   1 
ATOM   144 O OP2   . DT  A 1 8  ? 2.674  7.334   -1.952  1.00 25.36 ? 8  DT  A OP2   1 
ATOM   145 O "O5'" . DT  A 1 8  ? 1.057  5.699   -1.037  1.00 24.53 ? 8  DT  A "O5'" 1 
ATOM   146 C "C5'" . DT  A 1 8  ? 0.081  4.685   -1.128  1.00 24.32 ? 8  DT  A "C5'" 1 
ATOM   147 C "C4'" . DT  A 1 8  ? -0.094 4.018   0.200   1.00 24.50 ? 8  DT  A "C4'" 1 
ATOM   148 O "O4'" . DT  A 1 8  ? 1.144  3.398   0.516   1.00 25.36 ? 8  DT  A "O4'" 1 
ATOM   149 C "C3'" . DT  A 1 8  ? -0.444 4.979   1.330   1.00 26.32 ? 8  DT  A "C3'" 1 
ATOM   150 O "O3'" . DT  A 1 8  ? -1.609 4.408   1.981   1.00 32.01 ? 8  DT  A "O3'" 1 
ATOM   151 C "C2'" . DT  A 1 8  ? 0.827  4.901   2.159   1.00 24.17 ? 8  DT  A "C2'" 1 
ATOM   152 C "C1'" . DT  A 1 8  ? 1.330  3.468   1.948   1.00 22.81 ? 8  DT  A "C1'" 1 
ATOM   153 N N1    . DT  A 1 8  ? 2.758  3.296   2.212   1.00 19.34 ? 8  DT  A N1    1 
ATOM   154 C C2    . DT  A 1 8  ? 3.189  2.228   2.963   1.00 19.18 ? 8  DT  A C2    1 
ATOM   155 O O2    . DT  A 1 8  ? 2.470  1.426   3.524   1.00 19.25 ? 8  DT  A O2    1 
ATOM   156 N N3    . DT  A 1 8  ? 4.545  2.081   3.116   1.00 19.30 ? 8  DT  A N3    1 
ATOM   157 C C4    . DT  A 1 8  ? 5.509  2.922   2.576   1.00 19.10 ? 8  DT  A C4    1 
ATOM   158 O O4    . DT  A 1 8  ? 6.711  2.639   2.714   1.00 19.73 ? 8  DT  A O4    1 
ATOM   159 C C5    . DT  A 1 8  ? 4.946  4.035   1.812   1.00 18.62 ? 8  DT  A C5    1 
ATOM   160 C C7    . DT  A 1 8  ? 5.832  5.060   1.174   1.00 17.95 ? 8  DT  A C7    1 
ATOM   161 C C6    . DT  A 1 8  ? 3.635  4.180   1.657   1.00 18.24 ? 8  DT  A C6    1 
ATOM   162 P P     . DC  A 1 9  ? -2.686 5.107   2.987   1.00 34.64 ? 9  DC  A P     1 
ATOM   163 O OP1   . DC  A 1 9  ? -4.053 4.774   2.512   1.00 34.83 ? 9  DC  A OP1   1 
ATOM   164 O OP2   . DC  A 1 9  ? -2.256 6.499   3.236   1.00 34.67 ? 9  DC  A OP2   1 
ATOM   165 O "O5'" . DC  A 1 9  ? -2.404 4.313   4.304   1.00 33.61 ? 9  DC  A "O5'" 1 
ATOM   166 C "C5'" . DC  A 1 9  ? -2.592 2.912   4.250   1.00 32.86 ? 9  DC  A "C5'" 1 
ATOM   167 C "C4'" . DC  A 1 9  ? -1.944 2.227   5.465   1.00 32.47 ? 9  DC  A "C4'" 1 
ATOM   168 O "O4'" . DC  A 1 9  ? -0.514 2.266   5.490   1.00 28.73 ? 9  DC  A "O4'" 1 
ATOM   169 C "C3'" . DC  A 1 9  ? -2.395 2.942   6.673   1.00 32.72 ? 9  DC  A "C3'" 1 
ATOM   170 O "O3'" . DC  A 1 9  ? -2.947 1.944   7.502   1.00 37.50 ? 9  DC  A "O3'" 1 
ATOM   171 C "C2'" . DC  A 1 9  ? -1.109 3.520   7.163   1.00 30.17 ? 9  DC  A "C2'" 1 
ATOM   172 C "C1'" . DC  A 1 9  ? -0.047 2.565   6.750   1.00 25.60 ? 9  DC  A "C1'" 1 
ATOM   173 N N1    . DC  A 1 9  ? 1.286  3.122   6.508   1.00 21.41 ? 9  DC  A N1    1 
ATOM   174 C C2    . DC  A 1 9  ? 2.361  2.390   6.953   1.00 21.24 ? 9  DC  A C2    1 
ATOM   175 O O2    . DC  A 1 9  ? 2.267  1.373   7.666   1.00 20.65 ? 9  DC  A O2    1 
ATOM   176 N N3    . DC  A 1 9  ? 3.590  2.860   6.664   1.00 21.13 ? 9  DC  A N3    1 
ATOM   177 C C4    . DC  A 1 9  ? 3.757  3.992   5.987   1.00 20.88 ? 9  DC  A C4    1 
ATOM   178 N N4    . DC  A 1 9  ? 5.011  4.404   5.747   1.00 22.96 ? 9  DC  A N4    1 
ATOM   179 C C5    . DC  A 1 9  ? 2.648  4.752   5.544   1.00 18.18 ? 9  DC  A C5    1 
ATOM   180 C C6    . DC  A 1 9  ? 1.437  4.274   5.825   1.00 18.23 ? 9  DC  A C6    1 
ATOM   181 P P     . DG  A 1 10 ? -4.172 2.250   8.559   1.00 39.24 ? 10 DG  A P     1 
ATOM   182 O OP1   . DG  A 1 10 ? -5.028 1.059   8.409   1.00 40.35 ? 10 DG  A OP1   1 
ATOM   183 O OP2   . DG  A 1 10 ? -4.728 3.621   8.421   1.00 38.79 ? 10 DG  A OP2   1 
ATOM   184 O "O5'" . DG  A 1 10 ? -3.321 2.218   9.942   1.00 38.07 ? 10 DG  A "O5'" 1 
ATOM   185 C "C5'" . DG  A 1 10 ? -2.761 0.950   10.325  1.00 36.05 ? 10 DG  A "C5'" 1 
ATOM   186 C "C4'" . DG  A 1 10 ? -1.611 1.069   11.275  1.00 33.40 ? 10 DG  A "C4'" 1 
ATOM   187 O "O4'" . DG  A 1 10 ? -0.450 1.612   10.637  1.00 32.33 ? 10 DG  A "O4'" 1 
ATOM   188 C "C3'" . DG  A 1 10 ? -2.013 1.991   12.381  1.00 32.16 ? 10 DG  A "C3'" 1 
ATOM   189 O "O3'" . DG  A 1 10 ? -1.392 1.516   13.539  1.00 33.86 ? 10 DG  A "O3'" 1 
ATOM   190 C "C2'" . DG  A 1 10 ? -1.353 3.258   11.929  1.00 30.40 ? 10 DG  A "C2'" 1 
ATOM   191 C "C1'" . DG  A 1 10 ? -0.028 2.721   11.459  1.00 30.34 ? 10 DG  A "C1'" 1 
ATOM   192 N N9    . DG  A 1 10 ? 0.792  3.744   10.716  1.00 27.39 ? 10 DG  A N9    1 
ATOM   193 C C8    . DG  A 1 10 ? 0.397  4.827   9.966   1.00 26.76 ? 10 DG  A C8    1 
ATOM   194 N N7    . DG  A 1 10 ? 1.385  5.491   9.409   1.00 26.47 ? 10 DG  A N7    1 
ATOM   195 C C5    . DG  A 1 10 ? 2.525  4.788   9.826   1.00 25.52 ? 10 DG  A C5    1 
ATOM   196 C C6    . DG  A 1 10 ? 3.900  5.028   9.543   1.00 25.07 ? 10 DG  A C6    1 
ATOM   197 O O6    . DG  A 1 10 ? 4.437  5.860   8.807   1.00 26.04 ? 10 DG  A O6    1 
ATOM   198 N N1    . DG  A 1 10 ? 4.691  4.114   10.175  1.00 24.05 ? 10 DG  A N1    1 
ATOM   199 C C2    . DG  A 1 10 ? 4.245  3.085   10.973  1.00 23.09 ? 10 DG  A C2    1 
ATOM   200 N N2    . DG  A 1 10 ? 5.140  2.321   11.585  1.00 22.85 ? 10 DG  A N2    1 
ATOM   201 N N3    . DG  A 1 10 ? 2.979  2.840   11.226  1.00 24.30 ? 10 DG  A N3    1 
ATOM   202 C C4    . DG  A 1 10 ? 2.173  3.732   10.626  1.00 25.71 ? 10 DG  A C4    1 
ATOM   203 P P     . DC  A 1 11 ? -2.172 1.088   14.874  1.00 36.75 ? 11 DC  A P     1 
ATOM   204 O OP1   . DC  A 1 11 ? -3.310 0.164   14.592  1.00 36.99 ? 11 DC  A OP1   1 
ATOM   205 O OP2   . DC  A 1 11 ? -2.350 2.311   15.738  1.00 35.83 ? 11 DC  A OP2   1 
ATOM   206 O "O5'" . DC  A 1 11 ? -0.947 0.215   15.462  1.00 35.05 ? 11 DC  A "O5'" 1 
ATOM   207 C "C5'" . DC  A 1 11 ? -0.463 -0.953  14.800  1.00 36.13 ? 11 DC  A "C5'" 1 
ATOM   208 C "C4'" . DC  A 1 11 ? 1.038  -1.127  15.015  1.00 37.23 ? 11 DC  A "C4'" 1 
ATOM   209 O "O4'" . DC  A 1 11 ? 1.768  -0.031  14.400  1.00 37.30 ? 11 DC  A "O4'" 1 
ATOM   210 C "C3'" . DC  A 1 11 ? 1.369  -1.079  16.517  1.00 37.86 ? 11 DC  A "C3'" 1 
ATOM   211 O "O3'" . DC  A 1 11 ? 2.453  -2.011  16.779  1.00 40.07 ? 11 DC  A "O3'" 1 
ATOM   212 C "C2'" . DC  A 1 11 ? 1.779  0.392   16.676  1.00 36.02 ? 11 DC  A "C2'" 1 
ATOM   213 C "C1'" . DC  A 1 11 ? 2.504  0.722   15.392  1.00 33.31 ? 11 DC  A "C1'" 1 
ATOM   214 N N1    . DC  A 1 11 ? 2.465  2.163   15.004  1.00 29.31 ? 11 DC  A N1    1 
ATOM   215 C C2    . DC  A 1 11 ? 3.631  2.720   14.615  1.00 26.55 ? 11 DC  A C2    1 
ATOM   216 O O2    . DC  A 1 11 ? 4.661  2.085   14.742  1.00 26.48 ? 11 DC  A O2    1 
ATOM   217 N N3    . DC  A 1 11 ? 3.656  3.985   14.159  1.00 24.49 ? 11 DC  A N3    1 
ATOM   218 C C4    . DC  A 1 11 ? 2.538  4.687   14.111  1.00 25.49 ? 11 DC  A C4    1 
ATOM   219 N N4    . DC  A 1 11 ? 2.536  5.899   13.592  1.00 26.12 ? 11 DC  A N4    1 
ATOM   220 C C5    . DC  A 1 11 ? 1.312  4.151   14.533  1.00 26.55 ? 11 DC  A C5    1 
ATOM   221 C C6    . DC  A 1 11 ? 1.319  2.878   14.975  1.00 28.19 ? 11 DC  A C6    1 
ATOM   222 P P     . DG  A 1 12 ? 3.015  -2.275  18.279  1.00 43.00 ? 12 DG  A P     1 
ATOM   223 O OP1   . DG  A 1 12 ? 3.671  -3.598  18.324  1.00 43.86 ? 12 DG  A OP1   1 
ATOM   224 O OP2   . DG  A 1 12 ? 1.952  -1.937  19.283  1.00 42.32 ? 12 DG  A OP2   1 
ATOM   225 O "O5'" . DG  A 1 12 ? 4.152  -1.096  18.374  1.00 41.66 ? 12 DG  A "O5'" 1 
ATOM   226 C "C5'" . DG  A 1 12 ? 5.589  -1.235  18.388  1.00 37.28 ? 12 DG  A "C5'" 1 
ATOM   227 C "C4'" . DG  A 1 12 ? 6.236  0.006   19.028  1.00 33.47 ? 12 DG  A "C4'" 1 
ATOM   228 O "O4'" . DG  A 1 12 ? 5.766  1.154   18.365  1.00 30.11 ? 12 DG  A "O4'" 1 
ATOM   229 C "C3'" . DG  A 1 12 ? 5.762  0.261   20.467  1.00 33.32 ? 12 DG  A "C3'" 1 
ATOM   230 O "O3'" . DG  A 1 12 ? 6.612  -0.526  21.348  1.00 35.30 ? 12 DG  A "O3'" 1 
ATOM   231 C "C2'" . DG  A 1 12 ? 5.886  1.759   20.673  1.00 30.07 ? 12 DG  A "C2'" 1 
ATOM   232 C "C1'" . DG  A 1 12 ? 6.023  2.260   19.253  1.00 29.16 ? 12 DG  A "C1'" 1 
ATOM   233 N N9    . DG  A 1 12 ? 5.066  3.286   18.843  1.00 26.77 ? 12 DG  A N9    1 
ATOM   234 C C8    . DG  A 1 12 ? 3.715  3.307   18.990  1.00 26.49 ? 12 DG  A C8    1 
ATOM   235 N N7    . DG  A 1 12 ? 3.140  4.325   18.446  1.00 25.37 ? 12 DG  A N7    1 
ATOM   236 C C5    . DG  A 1 12 ? 4.195  5.031   17.899  1.00 25.46 ? 12 DG  A C5    1 
ATOM   237 C C6    . DG  A 1 12 ? 4.177  6.235   17.183  1.00 25.76 ? 12 DG  A C6    1 
ATOM   238 O O6    . DG  A 1 12 ? 3.190  6.897   16.825  1.00 27.07 ? 12 DG  A O6    1 
ATOM   239 N N1    . DG  A 1 12 ? 5.466  6.624   16.839  1.00 25.90 ? 12 DG  A N1    1 
ATOM   240 C C2    . DG  A 1 12 ? 6.622  5.948   17.124  1.00 26.29 ? 12 DG  A C2    1 
ATOM   241 N N2    . DG  A 1 12 ? 7.779  6.500   16.755  1.00 25.96 ? 12 DG  A N2    1 
ATOM   242 N N3    . DG  A 1 12 ? 6.615  4.806   17.782  1.00 26.27 ? 12 DG  A N3    1 
ATOM   243 C C4    . DG  A 1 12 ? 5.376  4.412   18.139  1.00 25.98 ? 12 DG  A C4    1 
ATOM   244 O "O5'" . DC  B 1 1  ? 6.558  14.623  12.748  1.00 44.36 ? 13 DC  B "O5'" 1 
ATOM   245 C "C5'" . DC  B 1 1  ? 7.783  14.827  13.493  1.00 43.36 ? 13 DC  B "C5'" 1 
ATOM   246 C "C4'" . DC  B 1 1  ? 8.698  13.574  13.777  1.00 41.48 ? 13 DC  B "C4'" 1 
ATOM   247 O "O4'" . DC  B 1 1  ? 8.066  12.583  14.575  1.00 40.22 ? 13 DC  B "O4'" 1 
ATOM   248 C "C3'" . DC  B 1 1  ? 9.014  12.871  12.499  1.00 41.80 ? 13 DC  B "C3'" 1 
ATOM   249 O "O3'" . DC  B 1 1  ? 10.356 12.411  12.627  1.00 41.20 ? 13 DC  B "O3'" 1 
ATOM   250 C "C2'" . DC  B 1 1  ? 7.977  11.753  12.455  1.00 40.14 ? 13 DC  B "C2'" 1 
ATOM   251 C "C1'" . DC  B 1 1  ? 7.904  11.353  13.875  1.00 39.86 ? 13 DC  B "C1'" 1 
ATOM   252 N N1    . DC  B 1 1  ? 6.621  10.839  14.356  1.00 40.04 ? 13 DC  B N1    1 
ATOM   253 C C2    . DC  B 1 1  ? 6.589  9.569   14.873  1.00 39.46 ? 13 DC  B C2    1 
ATOM   254 O O2    . DC  B 1 1  ? 7.552  8.821   14.874  1.00 38.02 ? 13 DC  B O2    1 
ATOM   255 N N3    . DC  B 1 1  ? 5.452  9.164   15.461  1.00 41.55 ? 13 DC  B N3    1 
ATOM   256 C C4    . DC  B 1 1  ? 4.367  9.955   15.565  1.00 42.63 ? 13 DC  B C4    1 
ATOM   257 N N4    . DC  B 1 1  ? 3.299  9.516   16.248  1.00 42.91 ? 13 DC  B N4    1 
ATOM   258 C C5    . DC  B 1 1  ? 4.379  11.274  15.020  1.00 42.35 ? 13 DC  B C5    1 
ATOM   259 C C6    . DC  B 1 1  ? 5.525  11.659  14.426  1.00 41.96 ? 13 DC  B C6    1 
ATOM   260 P P     . DG  B 1 2  ? 11.276 12.367  11.295  1.00 41.73 ? 14 DG  B P     1 
ATOM   261 O OP1   . DG  B 1 2  ? 12.364 13.378  11.458  1.00 42.43 ? 14 DG  B OP1   1 
ATOM   262 O OP2   . DG  B 1 2  ? 10.419 12.355  10.063  1.00 38.70 ? 14 DG  B OP2   1 
ATOM   263 O "O5'" . DG  B 1 2  ? 11.910 10.906  11.448  1.00 38.07 ? 14 DG  B "O5'" 1 
ATOM   264 C "C5'" . DG  B 1 2  ? 12.617 10.462  12.590  1.00 32.56 ? 14 DG  B "C5'" 1 
ATOM   265 C "C4'" . DG  B 1 2  ? 12.387 8.957   12.820  1.00 29.42 ? 14 DG  B "C4'" 1 
ATOM   266 O "O4'" . DG  B 1 2  ? 11.033 8.673   13.208  1.00 28.35 ? 14 DG  B "O4'" 1 
ATOM   267 C "C3'" . DG  B 1 2  ? 12.674 8.191   11.556  1.00 27.87 ? 14 DG  B "C3'" 1 
ATOM   268 O "O3'" . DG  B 1 2  ? 13.732 7.293   11.823  1.00 26.87 ? 14 DG  B "O3'" 1 
ATOM   269 C "C2'" . DG  B 1 2  ? 11.394 7.460   11.291  1.00 27.82 ? 14 DG  B "C2'" 1 
ATOM   270 C "C1'" . DG  B 1 2  ? 10.619 7.453   12.590  1.00 26.95 ? 14 DG  B "C1'" 1 
ATOM   271 N N9    . DG  B 1 2  ? 9.196  7.522   12.291  1.00 24.39 ? 14 DG  B N9    1 
ATOM   272 C C8    . DG  B 1 2  ? 8.555  8.472   11.558  1.00 23.67 ? 14 DG  B C8    1 
ATOM   273 N N7    . DG  B 1 2  ? 7.266  8.308   11.489  1.00 23.69 ? 14 DG  B N7    1 
ATOM   274 C C5    . DG  B 1 2  ? 7.045  7.158   12.229  1.00 22.73 ? 14 DG  B C5    1 
ATOM   275 C C6    . DG  B 1 2  ? 5.831  6.506   12.490  1.00 23.29 ? 14 DG  B C6    1 
ATOM   276 O O6    . DG  B 1 2  ? 4.697  6.849   12.135  1.00 24.31 ? 14 DG  B O6    1 
ATOM   277 N N1    . DG  B 1 2  ? 6.040  5.377   13.248  1.00 21.77 ? 14 DG  B N1    1 
ATOM   278 C C2    . DG  B 1 2  ? 7.256  4.955   13.694  1.00 21.62 ? 14 DG  B C2    1 
ATOM   279 N N2    . DG  B 1 2  ? 7.265  3.828   14.364  1.00 21.64 ? 14 DG  B N2    1 
ATOM   280 N N3    . DG  B 1 2  ? 8.413  5.568   13.463  1.00 23.20 ? 14 DG  B N3    1 
ATOM   281 C C4    . DG  B 1 2  ? 8.223  6.667   12.723  1.00 23.26 ? 14 DG  B C4    1 
ATOM   282 P P     . DC  B 1 3  ? 14.355 6.473   10.657  1.00 25.25 ? 15 DC  B P     1 
ATOM   283 O OP1   . DC  B 1 3  ? 15.715 6.060   11.013  1.00 26.82 ? 15 DC  B OP1   1 
ATOM   284 O OP2   . DC  B 1 3  ? 14.082 7.197   9.430   1.00 26.80 ? 15 DC  B OP2   1 
ATOM   285 O "O5'" . DC  B 1 3  ? 13.524 5.138   10.653  1.00 27.42 ? 15 DC  B "O5'" 1 
ATOM   286 C "C5'" . DC  B 1 3  ? 13.716 4.174   11.711  1.00 25.22 ? 15 DC  B "C5'" 1 
ATOM   287 C "C4'" . DC  B 1 3  ? 12.505 3.258   11.704  1.00 25.10 ? 15 DC  B "C4'" 1 
ATOM   288 O "O4'" . DC  B 1 3  ? 11.326 4.044   11.511  1.00 25.54 ? 15 DC  B "O4'" 1 
ATOM   289 C "C3'" . DC  B 1 3  ? 12.474 2.376   10.506  1.00 25.04 ? 15 DC  B "C3'" 1 
ATOM   290 O "O3'" . DC  B 1 3  ? 13.360 1.305   10.849  1.00 26.99 ? 15 DC  B "O3'" 1 
ATOM   291 C "C2'" . DC  B 1 3  ? 11.008 2.035   10.411  1.00 22.85 ? 15 DC  B "C2'" 1 
ATOM   292 C "C1'" . DC  B 1 3  ? 10.304 3.163   11.044  1.00 21.40 ? 15 DC  B "C1'" 1 
ATOM   293 N N1    . DC  B 1 3  ? 9.455  3.969   10.180  1.00 16.56 ? 15 DC  B N1    1 
ATOM   294 C C2    . DC  B 1 3  ? 8.102  3.841   10.308  1.00 17.78 ? 15 DC  B C2    1 
ATOM   295 O O2    . DC  B 1 3  ? 7.603  3.017   11.077  1.00 18.66 ? 15 DC  B O2    1 
ATOM   296 N N3    . DC  B 1 3  ? 7.278  4.657   9.588   1.00 17.96 ? 15 DC  B N3    1 
ATOM   297 C C4    . DC  B 1 3  ? 7.790  5.571   8.763   1.00 17.57 ? 15 DC  B C4    1 
ATOM   298 N N4    . DC  B 1 3  ? 6.980  6.333   8.024   1.00 17.94 ? 15 DC  B N4    1 
ATOM   299 C C5    . DC  B 1 3  ? 9.197  5.703   8.631   1.00 17.32 ? 15 DC  B C5    1 
ATOM   300 C C6    . DC  B 1 3  ? 9.972  4.874   9.361   1.00 16.32 ? 15 DC  B C6    1 
ATOM   301 P P     . DG  B 1 4  ? 13.775 0.046   9.951   1.00 25.23 ? 16 DG  B P     1 
ATOM   302 O OP1   . DG  B 1 4  ? 14.902 -0.577  10.634  1.00 28.50 ? 16 DG  B OP1   1 
ATOM   303 O OP2   . DG  B 1 4  ? 13.936 0.420   8.536   1.00 25.90 ? 16 DG  B OP2   1 
ATOM   304 O "O5'" . DG  B 1 4  ? 12.521 -0.899  10.147  1.00 24.68 ? 16 DG  B "O5'" 1 
ATOM   305 C "C5'" . DG  B 1 4  ? 12.292 -1.714  11.266  1.00 21.45 ? 16 DG  B "C5'" 1 
ATOM   306 C "C4'" . DG  B 1 4  ? 10.987 -2.380  11.131  1.00 20.34 ? 16 DG  B "C4'" 1 
ATOM   307 O "O4'" . DG  B 1 4  ? 10.062 -1.356  10.752  1.00 20.69 ? 16 DG  B "O4'" 1 
ATOM   308 C "C3'" . DG  B 1 4  ? 10.943 -3.444  10.087  1.00 23.20 ? 16 DG  B "C3'" 1 
ATOM   309 O "O3'" . DG  B 1 4  ? 10.170 -4.526  10.689  1.00 28.35 ? 16 DG  B "O3'" 1 
ATOM   310 C "C2'" . DG  B 1 4  ? 10.225 -2.705  8.957   1.00 21.37 ? 16 DG  B "C2'" 1 
ATOM   311 C "C1'" . DG  B 1 4  ? 9.290  -1.697  9.612   1.00 18.58 ? 16 DG  B "C1'" 1 
ATOM   312 N N9    . DG  B 1 4  ? 9.098  -0.507  8.750   1.00 16.74 ? 16 DG  B N9    1 
ATOM   313 C C8    . DG  B 1 4  ? 10.023 0.185   8.041   1.00 15.84 ? 16 DG  B C8    1 
ATOM   314 N N7    . DG  B 1 4  ? 9.568  1.170   7.323   1.00 15.44 ? 16 DG  B N7    1 
ATOM   315 C C5    . DG  B 1 4  ? 8.217  1.136   7.576   1.00 14.38 ? 16 DG  B C5    1 
ATOM   316 C C6    . DG  B 1 4  ? 7.207  1.946   7.077   1.00 14.33 ? 16 DG  B C6    1 
ATOM   317 O O6    . DG  B 1 4  ? 7.276  2.916   6.344   1.00 16.85 ? 16 DG  B O6    1 
ATOM   318 N N1    . DG  B 1 4  ? 5.985  1.583   7.546   1.00 14.26 ? 16 DG  B N1    1 
ATOM   319 C C2    . DG  B 1 4  ? 5.736  0.552   8.404   1.00 13.79 ? 16 DG  B C2    1 
ATOM   320 N N2    . DG  B 1 4  ? 4.448  0.282   8.654   1.00 14.31 ? 16 DG  B N2    1 
ATOM   321 N N3    . DG  B 1 4  ? 6.696  -0.226  8.906   1.00 15.09 ? 16 DG  B N3    1 
ATOM   322 C C4    . DG  B 1 4  ? 7.915  0.122   8.441   1.00 15.31 ? 16 DG  B C4    1 
ATOM   323 P P     . DA  B 1 5  ? 9.419  -5.730  9.917   1.00 30.63 ? 17 DA  B P     1 
ATOM   324 O OP1   . DA  B 1 5  ? 9.102  -6.853  10.814  1.00 29.76 ? 17 DA  B OP1   1 
ATOM   325 O OP2   . DA  B 1 5  ? 10.149 -5.978  8.648   1.00 29.94 ? 17 DA  B OP2   1 
ATOM   326 O "O5'" . DA  B 1 5  ? 8.003  -5.086  9.605   1.00 31.14 ? 17 DA  B "O5'" 1 
ATOM   327 C "C5'" . DA  B 1 5  ? 7.041  -4.992  10.635  1.00 29.79 ? 17 DA  B "C5'" 1 
ATOM   328 C "C4'" . DA  B 1 5  ? 5.647  -4.902  10.054  1.00 30.58 ? 17 DA  B "C4'" 1 
ATOM   329 O "O4'" . DA  B 1 5  ? 5.488  -3.797  9.155   1.00 30.16 ? 17 DA  B "O4'" 1 
ATOM   330 C "C3'" . DA  B 1 5  ? 5.375  -6.084  9.137   1.00 32.64 ? 17 DA  B "C3'" 1 
ATOM   331 O "O3'" . DA  B 1 5  ? 3.975  -6.271  9.320   1.00 35.36 ? 17 DA  B "O3'" 1 
ATOM   332 C "C2'" . DA  B 1 5  ? 5.773  -5.619  7.730   1.00 30.57 ? 17 DA  B "C2'" 1 
ATOM   333 C "C1'" . DA  B 1 5  ? 5.282  -4.197  7.777   1.00 28.30 ? 17 DA  B "C1'" 1 
ATOM   334 N N9    . DA  B 1 5  ? 6.073  -3.340  6.869   1.00 26.39 ? 17 DA  B N9    1 
ATOM   335 C C8    . DA  B 1 5  ? 7.417  -3.416  6.535   1.00 23.76 ? 17 DA  B C8    1 
ATOM   336 N N7    . DA  B 1 5  ? 7.812  -2.459  5.743   1.00 23.29 ? 17 DA  B N7    1 
ATOM   337 C C5    . DA  B 1 5  ? 6.653  -1.697  5.530   1.00 23.37 ? 17 DA  B C5    1 
ATOM   338 C C6    . DA  B 1 5  ? 6.420  -0.547  4.764   1.00 23.38 ? 17 DA  B C6    1 
ATOM   339 N N6    . DA  B 1 5  ? 7.395  0.053   4.063   1.00 23.56 ? 17 DA  B N6    1 
ATOM   340 N N1    . DA  B 1 5  ? 5.158  -0.047  4.756   1.00 23.79 ? 17 DA  B N1    1 
ATOM   341 C C2    . DA  B 1 5  ? 4.204  -0.662  5.468   1.00 23.36 ? 17 DA  B C2    1 
ATOM   342 N N3    . DA  B 1 5  ? 4.290  -1.748  6.228   1.00 23.76 ? 17 DA  B N3    1 
ATOM   343 C C4    . DA  B 1 5  ? 5.580  -2.223  6.211   1.00 24.32 ? 17 DA  B C4    1 
ATOM   344 P P     . DA  B 1 6  ? 3.167  -7.563  8.945   1.00 34.69 ? 18 DA  B P     1 
ATOM   345 O OP1   . DA  B 1 6  ? 2.428  -7.959  10.160  1.00 36.88 ? 18 DA  B OP1   1 
ATOM   346 O OP2   . DA  B 1 6  ? 4.071  -8.526  8.264   1.00 35.31 ? 18 DA  B OP2   1 
ATOM   347 O "O5'" . DA  B 1 6  ? 2.225  -6.842  7.877   1.00 33.60 ? 18 DA  B "O5'" 1 
ATOM   348 C "C5'" . DA  B 1 6  ? 1.393  -5.682  8.096   1.00 32.16 ? 18 DA  B "C5'" 1 
ATOM   349 C "C4'" . DA  B 1 6  ? 1.004  -4.989  6.742   1.00 31.52 ? 18 DA  B "C4'" 1 
ATOM   350 O "O4'" . DA  B 1 6  ? 2.116  -4.389  6.071   1.00 29.09 ? 18 DA  B "O4'" 1 
ATOM   351 C "C3'" . DA  B 1 6  ? 0.477  -6.017  5.740   1.00 32.15 ? 18 DA  B "C3'" 1 
ATOM   352 O "O3'" . DA  B 1 6  ? -0.795 -5.631  5.279   1.00 37.24 ? 18 DA  B "O3'" 1 
ATOM   353 C "C2'" . DA  B 1 6  ? 1.408  -5.921  4.576   1.00 29.12 ? 18 DA  B "C2'" 1 
ATOM   354 C "C1'" . DA  B 1 6  ? 1.920  -4.505  4.661   1.00 26.23 ? 18 DA  B "C1'" 1 
ATOM   355 N N9    . DA  B 1 6  ? 3.221  -4.365  4.014   1.00 20.44 ? 18 DA  B N9    1 
ATOM   356 C C8    . DA  B 1 6  ? 4.316  -5.131  4.255   1.00 20.73 ? 18 DA  B C8    1 
ATOM   357 N N7    . DA  B 1 6  ? 5.392  -4.712  3.672   1.00 21.01 ? 18 DA  B N7    1 
ATOM   358 C C5    . DA  B 1 6  ? 4.951  -3.567  2.980   1.00 18.48 ? 18 DA  B C5    1 
ATOM   359 C C6    . DA  B 1 6  ? 5.622  -2.647  2.175   1.00 15.90 ? 18 DA  B C6    1 
ATOM   360 N N6    . DA  B 1 6  ? 6.925  -2.734  1.992   1.00 14.45 ? 18 DA  B N6    1 
ATOM   361 N N1    . DA  B 1 6  ? 4.937  -1.640  1.625   1.00 15.30 ? 18 DA  B N1    1 
ATOM   362 C C2    . DA  B 1 6  ? 3.644  -1.570  1.878   1.00 16.60 ? 18 DA  B C2    1 
ATOM   363 N N3    . DA  B 1 6  ? 2.902  -2.366  2.633   1.00 17.91 ? 18 DA  B N3    1 
ATOM   364 C C4    . DA  B 1 6  ? 3.630  -3.366  3.172   1.00 18.76 ? 18 DA  B C4    1 
ATOM   365 P P     . DT  B 1 7  ? -1.673 -6.643  4.383   1.00 39.78 ? 19 DT  B P     1 
ATOM   366 O OP1   . DT  B 1 7  ? -3.047 -6.613  4.936   1.00 39.52 ? 19 DT  B OP1   1 
ATOM   367 O OP2   . DT  B 1 7  ? -0.923 -7.921  4.224   1.00 39.04 ? 19 DT  B OP2   1 
ATOM   368 O "O5'" . DT  B 1 7  ? -1.717 -5.945  2.991   1.00 37.16 ? 19 DT  B "O5'" 1 
ATOM   369 C "C5'" . DT  B 1 7  ? -2.362 -4.704  2.856   1.00 33.66 ? 19 DT  B "C5'" 1 
ATOM   370 C "C4'" . DT  B 1 7  ? -1.812 -4.144  1.583   1.00 31.98 ? 19 DT  B "C4'" 1 
ATOM   371 O "O4'" . DT  B 1 7  ? -0.379 -4.247  1.638   1.00 30.28 ? 19 DT  B "O4'" 1 
ATOM   372 C "C3'" . DT  B 1 7  ? -2.283 -4.930  0.351   1.00 31.50 ? 19 DT  B "C3'" 1 
ATOM   373 O "O3'" . DT  B 1 7  ? -3.225 -4.034  -0.253  1.00 33.37 ? 19 DT  B "O3'" 1 
ATOM   374 C "C2'" . DT  B 1 7  ? -0.981 -5.173  -0.392  1.00 28.73 ? 19 DT  B "C2'" 1 
ATOM   375 C "C1'" . DT  B 1 7  ? -0.008 -4.178  0.258   1.00 26.07 ? 19 DT  B "C1'" 1 
ATOM   376 N N1    . DT  B 1 7  ? 1.437  -4.522  0.148   1.00 19.58 ? 19 DT  B N1    1 
ATOM   377 C C2    . DT  B 1 7  ? 2.265  -3.645  -0.526  1.00 16.33 ? 19 DT  B C2    1 
ATOM   378 O O2    . DT  B 1 7  ? 1.921  -2.580  -1.022  1.00 16.38 ? 19 DT  B O2    1 
ATOM   379 N N3    . DT  B 1 7  ? 3.564  -4.008  -0.617  1.00 14.55 ? 19 DT  B N3    1 
ATOM   380 C C4    . DT  B 1 7  ? 4.130  -5.149  -0.111  1.00 13.47 ? 19 DT  B C4    1 
ATOM   381 O O4    . DT  B 1 7  ? 5.338  -5.318  -0.299  1.00 13.62 ? 19 DT  B O4    1 
ATOM   382 C C5    . DT  B 1 7  ? 3.198  -6.020  0.592   1.00 14.41 ? 19 DT  B C5    1 
ATOM   383 C C7    . DT  B 1 7  ? 3.606  -7.361  1.238   1.00 13.64 ? 19 DT  B C7    1 
ATOM   384 C C6    . DT  B 1 7  ? 1.912  -5.677  0.691   1.00 16.49 ? 19 DT  B C6    1 
ATOM   385 P P     . DT  B 1 8  ? -4.078 -4.318  -1.576  1.00 34.44 ? 20 DT  B P     1 
ATOM   386 O OP1   . DT  B 1 8  ? -5.256 -3.429  -1.490  1.00 32.86 ? 20 DT  B OP1   1 
ATOM   387 O OP2   . DT  B 1 8  ? -4.194 -5.766  -1.834  1.00 34.03 ? 20 DT  B OP2   1 
ATOM   388 O "O5'" . DT  B 1 8  ? -3.065 -3.743  -2.675  1.00 33.90 ? 20 DT  B "O5'" 1 
ATOM   389 C "C5'" . DT  B 1 8  ? -3.011 -2.315  -2.853  1.00 31.18 ? 20 DT  B "C5'" 1 
ATOM   390 C "C4'" . DT  B 1 8  ? -2.045 -1.928  -3.946  1.00 28.96 ? 20 DT  B "C4'" 1 
ATOM   391 O "O4'" . DT  B 1 8  ? -0.844 -2.621  -3.633  1.00 27.20 ? 20 DT  B "O4'" 1 
ATOM   392 C "C3'" . DT  B 1 8  ? -2.399 -2.400  -5.337  1.00 29.14 ? 20 DT  B "C3'" 1 
ATOM   393 O "O3'" . DT  B 1 8  ? -2.313 -1.258  -6.199  1.00 32.43 ? 20 DT  B "O3'" 1 
ATOM   394 C "C2'" . DT  B 1 8  ? -1.306 -3.426  -5.623  1.00 27.38 ? 20 DT  B "C2'" 1 
ATOM   395 C "C1'" . DT  B 1 8  ? -0.151 -2.917  -4.838  1.00 24.73 ? 20 DT  B "C1'" 1 
ATOM   396 N N1    . DT  B 1 8  ? 0.869  -3.887  -4.454  1.00 21.53 ? 20 DT  B N1    1 
ATOM   397 C C2    . DT  B 1 8  ? 2.188  -3.571  -4.734  1.00 20.73 ? 20 DT  B C2    1 
ATOM   398 O O2    . DT  B 1 8  ? 2.548  -2.618  -5.431  1.00 21.26 ? 20 DT  B O2    1 
ATOM   399 N N3    . DT  B 1 8  ? 3.120  -4.480  -4.250  1.00 20.65 ? 20 DT  B N3    1 
ATOM   400 C C4    . DT  B 1 8  ? 2.818  -5.652  -3.543  1.00 20.76 ? 20 DT  B C4    1 
ATOM   401 O O4    . DT  B 1 8  ? 3.688  -6.393  -3.085  1.00 22.77 ? 20 DT  B O4    1 
ATOM   402 C C5    . DT  B 1 8  ? 1.438  -5.882  -3.345  1.00 17.81 ? 20 DT  B C5    1 
ATOM   403 C C7    . DT  B 1 8  ? 1.042  -7.144  -2.691  1.00 20.96 ? 20 DT  B C7    1 
ATOM   404 C C6    . DT  B 1 8  ? 0.518  -5.028  -3.779  1.00 19.63 ? 20 DT  B C6    1 
ATOM   405 P P     . DC  B 1 9  ? -2.837 -1.285  -7.712  1.00 32.75 ? 21 DC  B P     1 
ATOM   406 O OP1   . DC  B 1 9  ? -3.403 0.057   -7.989  1.00 35.04 ? 21 DC  B OP1   1 
ATOM   407 O OP2   . DC  B 1 9  ? -3.663 -2.483  -7.944  1.00 34.96 ? 21 DC  B OP2   1 
ATOM   408 O "O5'" . DC  B 1 9  ? -1.564 -1.523  -8.590  1.00 31.42 ? 21 DC  B "O5'" 1 
ATOM   409 C "C5'" . DC  B 1 9  ? -0.610 -0.525  -8.835  1.00 28.64 ? 21 DC  B "C5'" 1 
ATOM   410 C "C4'" . DC  B 1 9  ? 0.527  -1.230  -9.434  1.00 26.65 ? 21 DC  B "C4'" 1 
ATOM   411 O "O4'" . DC  B 1 9  ? 1.081  -2.190  -8.546  1.00 23.60 ? 21 DC  B "O4'" 1 
ATOM   412 C "C3'" . DC  B 1 9  ? -0.002 -1.942  -10.632 1.00 27.01 ? 21 DC  B "C3'" 1 
ATOM   413 O "O3'" . DC  B 1 9  ? 0.222  -0.947  -11.653 1.00 31.74 ? 21 DC  B "O3'" 1 
ATOM   414 C "C2'" . DC  B 1 9  ? 0.814  -3.192  -10.605 1.00 24.83 ? 21 DC  B "C2'" 1 
ATOM   415 C "C1'" . DC  B 1 9  ? 1.717  -3.111  -9.389  1.00 22.39 ? 21 DC  B "C1'" 1 
ATOM   416 N N1    . DC  B 1 9  ? 1.852  -4.364  -8.623  1.00 19.79 ? 21 DC  B N1    1 
ATOM   417 C C2    . DC  B 1 9  ? 3.115  -4.814  -8.374  1.00 18.53 ? 21 DC  B C2    1 
ATOM   418 O O2    . DC  B 1 9  ? 4.059  -4.254  -8.901  1.00 19.80 ? 21 DC  B O2    1 
ATOM   419 N N3    . DC  B 1 9  ? 3.325  -5.902  -7.575  1.00 18.62 ? 21 DC  B N3    1 
ATOM   420 C C4    . DC  B 1 9  ? 2.262  -6.527  -7.043  1.00 17.84 ? 21 DC  B C4    1 
ATOM   421 N N4    . DC  B 1 9  ? 2.470  -7.592  -6.272  1.00 16.89 ? 21 DC  B N4    1 
ATOM   422 C C5    . DC  B 1 9  ? 0.918  -6.083  -7.300  1.00 18.40 ? 21 DC  B C5    1 
ATOM   423 C C6    . DC  B 1 9  ? 0.767  -5.001  -8.095  1.00 19.60 ? 21 DC  B C6    1 
ATOM   424 P P     . DG  B 1 10 ? 0.115  -1.119  -13.288 1.00 33.46 ? 22 DG  B P     1 
ATOM   425 O OP1   . DG  B 1 10 ? 0.491  0.150   -13.943 1.00 34.50 ? 22 DG  B OP1   1 
ATOM   426 O OP2   . DG  B 1 10 ? -1.178 -1.754  -13.630 1.00 34.93 ? 22 DG  B OP2   1 
ATOM   427 O "O5'" . DG  B 1 10 ? 1.334  -2.176  -13.603 1.00 33.00 ? 22 DG  B "O5'" 1 
ATOM   428 C "C5'" . DG  B 1 10 ? 2.635  -1.788  -14.074 1.00 29.34 ? 22 DG  B "C5'" 1 
ATOM   429 C "C4'" . DG  B 1 10 ? 3.511  -2.970  -14.408 1.00 27.15 ? 22 DG  B "C4'" 1 
ATOM   430 O "O4'" . DG  B 1 10 ? 3.613  -3.848  -13.268 1.00 26.18 ? 22 DG  B "O4'" 1 
ATOM   431 C "C3'" . DG  B 1 10 ? 2.918  -3.791  -15.512 1.00 28.61 ? 22 DG  B "C3'" 1 
ATOM   432 O "O3'" . DG  B 1 10 ? 3.942  -4.326  -16.297 1.00 32.64 ? 22 DG  B "O3'" 1 
ATOM   433 C "C2'" . DG  B 1 10 ? 2.309  -4.916  -14.741 1.00 26.56 ? 22 DG  B "C2'" 1 
ATOM   434 C "C1'" . DG  B 1 10 ? 3.337  -5.172  -13.691 1.00 23.13 ? 22 DG  B "C1'" 1 
ATOM   435 N N9    . DG  B 1 10 ? 2.785  -6.021  -12.617 1.00 20.10 ? 22 DG  B N9    1 
ATOM   436 C C8    . DG  B 1 10 ? 1.492  -6.176  -12.187 1.00 18.79 ? 22 DG  B C8    1 
ATOM   437 N N7    . DG  B 1 10 ? 1.418  -7.032  -11.209 1.00 18.74 ? 22 DG  B N7    1 
ATOM   438 C C5    . DG  B 1 10 ? 2.718  -7.473  -10.971 1.00 15.94 ? 22 DG  B C5    1 
ATOM   439 C C6    . DG  B 1 10 ? 3.229  -8.404  -10.026 1.00 16.83 ? 22 DG  B C6    1 
ATOM   440 O O6    . DG  B 1 10 ? 2.628  -9.009  -9.154  1.00 19.24 ? 22 DG  B O6    1 
ATOM   441 N N1    . DG  B 1 10 ? 4.591  -8.575  -10.126 1.00 15.79 ? 22 DG  B N1    1 
ATOM   442 C C2    . DG  B 1 10 ? 5.368  -7.899  -11.045 1.00 15.63 ? 22 DG  B C2    1 
ATOM   443 N N2    . DG  B 1 10 ? 6.672  -8.130  -11.025 1.00 17.35 ? 22 DG  B N2    1 
ATOM   444 N N3    . DG  B 1 10 ? 4.912  -7.029  -11.925 1.00 15.25 ? 22 DG  B N3    1 
ATOM   445 C C4    . DG  B 1 10 ? 3.569  -6.863  -11.826 1.00 17.76 ? 22 DG  B C4    1 
ATOM   446 P P     . DC  B 1 11 ? 4.277  -3.818  -17.759 1.00 34.64 ? 23 DC  B P     1 
ATOM   447 O OP1   . DC  B 1 11 ? 4.476  -2.350  -17.734 1.00 36.67 ? 23 DC  B OP1   1 
ATOM   448 O OP2   . DC  B 1 11 ? 3.347  -4.466  -18.713 1.00 34.60 ? 23 DC  B OP2   1 
ATOM   449 O "O5'" . DC  B 1 11 ? 5.709  -4.518  -18.009 1.00 35.31 ? 23 DC  B "O5'" 1 
ATOM   450 C "C5'" . DC  B 1 11 ? 6.961  -4.292  -17.314 1.00 33.68 ? 23 DC  B "C5'" 1 
ATOM   451 C "C4'" . DC  B 1 11 ? 7.587  -5.627  -16.934 1.00 31.51 ? 23 DC  B "C4'" 1 
ATOM   452 O "O4'" . DC  B 1 11 ? 6.905  -6.191  -15.824 1.00 29.65 ? 23 DC  B "O4'" 1 
ATOM   453 C "C3'" . DC  B 1 11 ? 7.418  -6.570  -18.112 1.00 31.70 ? 23 DC  B "C3'" 1 
ATOM   454 O "O3'" . DC  B 1 11 ? 8.690  -7.027  -18.645 1.00 34.86 ? 23 DC  B "O3'" 1 
ATOM   455 C "C2'" . DC  B 1 11 ? 6.633  -7.678  -17.531 1.00 29.69 ? 23 DC  B "C2'" 1 
ATOM   456 C "C1'" . DC  B 1 11 ? 6.704  -7.578  -16.039 1.00 27.22 ? 23 DC  B "C1'" 1 
ATOM   457 N N1    . DC  B 1 11 ? 5.418  -8.104  -15.481 1.00 23.41 ? 23 DC  B N1    1 
ATOM   458 C C2    . DC  B 1 11 ? 5.506  -9.105  -14.549 1.00 21.82 ? 23 DC  B C2    1 
ATOM   459 O O2    . DC  B 1 11 ? 6.607  -9.501  -14.189 1.00 20.81 ? 23 DC  B O2    1 
ATOM   460 N N3    . DC  B 1 11 ? 4.370  -9.663  -14.030 1.00 20.45 ? 23 DC  B N3    1 
ATOM   461 C C4    . DC  B 1 11 ? 3.197  -9.223  -14.449 1.00 19.67 ? 23 DC  B C4    1 
ATOM   462 N N4    . DC  B 1 11 ? 2.121  -9.697  -13.866 1.00 21.22 ? 23 DC  B N4    1 
ATOM   463 C C5    . DC  B 1 11 ? 3.075  -8.198  -15.419 1.00 20.01 ? 23 DC  B C5    1 
ATOM   464 C C6    . DC  B 1 11 ? 4.210  -7.671  -15.906 1.00 20.90 ? 23 DC  B C6    1 
ATOM   465 P P     . DG  B 1 12 ? 8.861  -7.697  -20.144 1.00 36.68 ? 24 DG  B P     1 
ATOM   466 O OP1   . DG  B 1 12 ? 10.072 -7.127  -20.795 1.00 39.21 ? 24 DG  B OP1   1 
ATOM   467 O OP2   . DG  B 1 12 ? 7.582  -7.638  -20.911 1.00 36.99 ? 24 DG  B OP2   1 
ATOM   468 O "O5'" . DG  B 1 12 ? 9.183  -9.227  -19.716 1.00 33.96 ? 24 DG  B "O5'" 1 
ATOM   469 C "C5'" . DG  B 1 12 ? 10.377 -9.529  -18.965 1.00 30.41 ? 24 DG  B "C5'" 1 
ATOM   470 C "C4'" . DG  B 1 12 ? 10.242 -10.868 -18.268 1.00 28.15 ? 24 DG  B "C4'" 1 
ATOM   471 O "O4'" . DG  B 1 12 ? 9.265  -10.782 -17.254 1.00 26.39 ? 24 DG  B "O4'" 1 
ATOM   472 C "C3'" . DG  B 1 12 ? 9.723  -11.947 -19.204 1.00 26.33 ? 24 DG  B "C3'" 1 
ATOM   473 O "O3'" . DG  B 1 12 ? 10.766 -12.498 -20.030 1.00 27.69 ? 24 DG  B "O3'" 1 
ATOM   474 C "C2'" . DG  B 1 12 ? 9.271  -12.947 -18.238 1.00 25.01 ? 24 DG  B "C2'" 1 
ATOM   475 C "C1'" . DG  B 1 12 ? 8.673  -12.092 -17.150 1.00 23.87 ? 24 DG  B "C1'" 1 
ATOM   476 N N9    . DG  B 1 12 ? 7.197  -11.964 -17.259 1.00 21.24 ? 24 DG  B N9    1 
ATOM   477 C C8    . DG  B 1 12 ? 6.450  -11.142 -18.064 1.00 18.73 ? 24 DG  B C8    1 
ATOM   478 N N7    . DG  B 1 12 ? 5.179  -11.220 -17.854 1.00 17.54 ? 24 DG  B N7    1 
ATOM   479 C C5    . DG  B 1 12 ? 5.071  -12.152 -16.842 1.00 17.62 ? 24 DG  B C5    1 
ATOM   480 C C6    . DG  B 1 12 ? 3.943  -12.632 -16.194 1.00 17.38 ? 24 DG  B C6    1 
ATOM   481 O O6    . DG  B 1 12 ? 2.811  -12.241 -16.385 1.00 19.07 ? 24 DG  B O6    1 
ATOM   482 N N1    . DG  B 1 12 ? 4.199  -13.592 -15.217 1.00 16.90 ? 24 DG  B N1    1 
ATOM   483 C C2    . DG  B 1 12 ? 5.441  -14.041 -14.896 1.00 17.63 ? 24 DG  B C2    1 
ATOM   484 N N2    . DG  B 1 12 ? 5.568  -15.007 -14.000 1.00 17.62 ? 24 DG  B N2    1 
ATOM   485 N N3    . DG  B 1 12 ? 6.537  -13.566 -15.506 1.00 20.64 ? 24 DG  B N3    1 
ATOM   486 C C4    . DG  B 1 12 ? 6.281  -12.628 -16.470 1.00 19.61 ? 24 DG  B C4    1 
HETATM 487 C C1    . TNT C 2 .  ? -0.773 -0.509  2.181   1.00 36.48 ? 25 TNT A C1    1 
HETATM 488 C C2    . TNT C 2 .  ? 0.483  -0.633  2.704   1.00 37.91 ? 25 TNT A C2    1 
HETATM 489 C C3    . TNT C 2 .  ? 0.656  -0.931  4.068   1.00 38.52 ? 25 TNT A C3    1 
HETATM 490 C C4    . TNT C 2 .  ? -0.412 -1.098  4.945   1.00 38.66 ? 25 TNT A C4    1 
HETATM 491 C C5    . TNT C 2 .  ? -1.694 -0.970  4.399   1.00 37.41 ? 25 TNT A C5    1 
HETATM 492 C C6    . TNT C 2 .  ? -1.852 -0.680  3.042   1.00 37.35 ? 25 TNT A C6    1 
HETATM 493 C C7    . TNT C 2 .  ? -0.191 -1.262  6.337   1.00 40.99 ? 25 TNT A C7    1 
HETATM 494 N N1    . TNT C 2 .  ? 1.052  -1.332  6.779   1.00 43.68 ? 25 TNT A N1    1 
HETATM 495 N N2    . TNT C 2 .  ? -1.221 -1.269  7.227   1.00 40.71 ? 25 TNT A N2    1 
HETATM 496 C "C1'" . TNT C 2 .  ? 0.991  1.017   -4.445  1.00 37.44 ? 25 TNT A "C1'" 1 
HETATM 497 C "C2'" . TNT C 2 .  ? 2.142  0.296   -4.289  1.00 38.25 ? 25 TNT A "C2'" 1 
HETATM 498 C "C3'" . TNT C 2 .  ? 2.983  0.078   -5.380  1.00 39.66 ? 25 TNT A "C3'" 1 
HETATM 499 C "C4'" . TNT C 2 .  ? 2.747  0.571   -6.656  1.00 40.97 ? 25 TNT A "C4'" 1 
HETATM 500 C "C5'" . TNT C 2 .  ? 1.575  1.323   -6.825  1.00 39.21 ? 25 TNT A "C5'" 1 
HETATM 501 C "C6'" . TNT C 2 .  ? 0.707  1.532   -5.713  1.00 39.05 ? 25 TNT A "C6'" 1 
HETATM 502 C "C7'" . TNT C 2 .  ? 3.704  0.202   -7.660  1.00 44.12 ? 25 TNT A "C7'" 1 
HETATM 503 N "N1'" . TNT C 2 .  ? 4.929  -0.138  -7.245  1.00 46.11 ? 25 TNT A "N1'" 1 
HETATM 504 N "N2'" . TNT C 2 .  ? 3.501  0.364   -8.995  1.00 45.60 ? 25 TNT A "N2'" 1 
HETATM 505 C CA    . TNT C 2 .  ? 0.000  0.000   0.000   1.00 33.26 ? 25 TNT A CA    1 
HETATM 506 O O1    . TNT C 2 .  ? -1.055 -0.178  0.898   1.00 35.12 ? 25 TNT A O1    1 
HETATM 507 C CB    . TNT C 2 .  ? -0.614 0.580   -1.245  1.00 33.16 ? 25 TNT A CB    1 
HETATM 508 C "CA'" . TNT C 2 .  ? 0.436  0.435   -2.274  1.00 33.15 ? 25 TNT A "CA'" 1 
HETATM 509 O "O1'" . TNT C 2 .  ? 0.086  1.157   -3.456  1.00 34.63 ? 25 TNT A "O1'" 1 
HETATM 510 O O     . HOH D 3 .  ? -8.644 -1.809  3.658   1.00 53.61 ? 26 HOH A O     1 
HETATM 511 O O     . HOH D 3 .  ? 1.287  0.463   20.441  1.00 30.67 ? 27 HOH A O     1 
HETATM 512 O O     . HOH D 3 .  ? -1.801 -11.303 -9.404  1.00 26.25 ? 28 HOH A O     1 
HETATM 513 O O     . HOH D 3 .  ? 0.161  -12.993 -8.391  1.00 36.00 ? 29 HOH A O     1 
HETATM 514 O O     . HOH D 3 .  ? 16.188 1.298   -5.742  1.00 38.27 ? 30 HOH A O     1 
HETATM 515 O O     . HOH D 3 .  ? 16.235 -4.429  -9.924  1.00 43.33 ? 31 HOH A O     1 
HETATM 516 O O     . HOH D 3 .  ? -2.591 7.307   11.233  1.00 42.31 ? 36 HOH A O     1 
HETATM 517 O O     . HOH D 3 .  ? 6.049  -11.052 -0.411  1.00 56.48 ? 39 HOH A O     1 
HETATM 518 O O     . HOH D 3 .  ? -6.099 0.833   1.886   1.00 60.00 ? 42 HOH A O     1 
HETATM 519 O O     . HOH D 3 .  ? -5.036 -1.184  4.535   1.00 52.54 ? 43 HOH A O     1 
HETATM 520 O O     . HOH D 3 .  ? 0.077  -10.874 -11.070 1.00 38.58 ? 44 HOH A O     1 
HETATM 521 O O     . HOH D 3 .  ? 8.058  6.024   -2.367  1.00 44.32 ? 45 HOH A O     1 
HETATM 522 O O     . HOH D 3 .  ? 4.627  -9.702  -3.822  1.00 55.24 ? 48 HOH A O     1 
HETATM 523 O O     . HOH D 3 .  ? 11.291 7.002   0.623   1.00 71.08 ? 51 HOH A O     1 
HETATM 524 O O     . HOH D 3 .  ? 10.863 4.518   -3.583  1.00 52.60 ? 53 HOH A O     1 
HETATM 525 O O     . HOH D 3 .  ? 15.763 -9.156  -3.913  1.00 35.21 ? 58 HOH A O     1 
HETATM 526 O O     . HOH D 3 .  ? 12.053 -16.910 -4.200  1.00 34.64 ? 61 HOH A O     1 
HETATM 527 O O     . HOH D 3 .  ? 12.758 0.825   -1.336  1.00 44.01 ? 62 HOH A O     1 
HETATM 528 O O     . HOH D 3 .  ? 19.141 -4.207  -5.642  1.00 51.87 ? 63 HOH A O     1 
HETATM 529 O O     . HOH D 3 .  ? -3.437 -3.428  7.707   1.00 56.59 ? 64 HOH A O     1 
HETATM 530 O O     . HOH D 3 .  ? 13.002 -3.538  -1.363  1.00 59.16 ? 65 HOH A O     1 
HETATM 531 O O     . HOH D 3 .  ? 2.601  -0.606  11.359  1.00 47.85 ? 66 HOH A O     1 
HETATM 532 O O     . HOH D 3 .  ? -0.330 -2.560  10.792  1.00 84.36 ? 67 HOH A O     1 
HETATM 533 O O     . HOH D 3 .  ? -1.743 -4.919  12.886  1.00 64.56 ? 69 HOH A O     1 
HETATM 534 O O     . HOH D 3 .  ? -0.604 8.870   0.883   1.00 56.74 ? 70 HOH A O     1 
HETATM 535 O O     . HOH D 3 .  ? 0.800  13.902  2.225   1.00 59.25 ? 71 HOH A O     1 
HETATM 536 O O     . HOH D 3 .  ? 19.376 -11.995 -4.725  1.00 46.19 ? 76 HOH A O     1 
HETATM 537 O O     . HOH D 3 .  ? 8.466  0.042   -11.613 1.00 48.21 ? 78 HOH A O     1 
HETATM 538 O O     . HOH D 3 .  ? 0.281  -15.141 -6.727  1.00 46.48 ? 80 HOH A O     1 
HETATM 539 O O     . HOH D 3 .  ? 2.839  -11.357 -0.343  1.00 80.77 ? 81 HOH A O     1 
HETATM 540 O O     . HOH D 3 .  ? 2.306  -15.700 -5.126  1.00 49.93 ? 82 HOH A O     1 
HETATM 541 O O     . HOH D 3 .  ? 17.727 -7.886  -7.779  1.00 49.60 ? 83 HOH A O     1 
HETATM 542 O O     . HOH D 3 .  ? 11.723 1.589   -4.175  1.00 34.75 ? 84 HOH A O     1 
HETATM 543 O O     . HOH D 3 .  ? -0.749 -3.704  18.113  1.00 52.14 ? 86 HOH A O     1 
HETATM 544 O O     . HOH D 3 .  ? 10.565 -6.644  -2.624  1.00 51.06 ? 87 HOH A O     1 
HETATM 545 O O     . HOH D 3 .  ? 20.796 -10.744 -8.412  1.00 60.63 ? 88 HOH A O     1 
HETATM 546 O O     . HOH D 3 .  ? -0.435 6.957   8.010   1.00 62.84 ? 90 HOH A O     1 
HETATM 547 O O     . HOH D 3 .  ? -7.654 5.114   0.705   1.00 58.34 ? 91 HOH A O     1 
HETATM 548 O O     . HOH D 3 .  ? -3.312 -0.934  18.542  1.00 57.12 ? 92 HOH A O     1 
HETATM 549 O O     . HOH D 3 .  ? -4.509 9.197   2.652   1.00 60.85 ? 93 HOH A O     1 
HETATM 550 O O     . HOH E 3 .  ? -1.127 2.832   -13.647 1.00 41.64 ? 32 HOH B O     1 
HETATM 551 O O     . HOH E 3 .  ? 4.105  15.004  11.752  1.00 49.04 ? 33 HOH B O     1 
HETATM 552 O O     . HOH E 3 .  ? 5.453  9.637   9.278   1.00 37.09 ? 34 HOH B O     1 
HETATM 553 O O     . HOH E 3 .  ? 6.369  -4.678  -22.116 1.00 39.44 ? 35 HOH B O     1 
HETATM 554 O O     . HOH E 3 .  ? 1.685  -11.549 8.319   1.00 44.58 ? 37 HOH B O     1 
HETATM 555 O O     . HOH E 3 .  ? 14.781 3.755   7.259   1.00 38.84 ? 38 HOH B O     1 
HETATM 556 O O     . HOH E 3 .  ? -4.441 1.620   -4.344  1.00 55.01 ? 40 HOH B O     1 
HETATM 557 O O     . HOH E 3 .  ? -2.612 2.214   -6.905  1.00 44.80 ? 41 HOH B O     1 
HETATM 558 O O     . HOH E 3 .  ? 4.075  -9.049  5.705   1.00 36.80 ? 46 HOH B O     1 
HETATM 559 O O     . HOH E 3 .  ? 10.265 -2.964  4.809   1.00 59.52 ? 47 HOH B O     1 
HETATM 560 O O     . HOH E 3 .  ? -1.602 -7.707  -10.869 1.00 28.93 ? 49 HOH B O     1 
HETATM 561 O O     . HOH E 3 .  ? 19.380 8.180   10.485  1.00 68.39 ? 50 HOH B O     1 
HETATM 562 O O     . HOH E 3 .  ? 0.352  -9.436  -5.400  1.00 38.04 ? 52 HOH B O     1 
HETATM 563 O O     . HOH E 3 .  ? 5.228  -1.978  -10.806 1.00 43.28 ? 54 HOH B O     1 
HETATM 564 O O     . HOH E 3 .  ? 7.186  -4.532  -12.580 1.00 58.18 ? 55 HOH B O     1 
HETATM 565 O O     . HOH E 3 .  ? -0.424 -5.035  -17.927 1.00 71.73 ? 56 HOH B O     1 
HETATM 566 O O     . HOH E 3 .  ? 10.398 -4.429  -13.746 1.00 65.06 ? 57 HOH B O     1 
HETATM 567 O O     . HOH E 3 .  ? -1.911 -6.972  -5.947  1.00 44.06 ? 59 HOH B O     1 
HETATM 568 O O     . HOH E 3 .  ? 7.587  -7.924  2.951   1.00 63.51 ? 60 HOH B O     1 
HETATM 569 O O     . HOH E 3 .  ? 9.139  10.222  8.079   1.00 52.53 ? 68 HOH B O     1 
HETATM 570 O O     . HOH E 3 .  ? -5.893 0.185   -1.587  1.00 36.28 ? 72 HOH B O     1 
HETATM 571 O O     . HOH E 3 .  ? -3.040 -4.049  -12.694 1.00 55.29 ? 73 HOH B O     1 
HETATM 572 O O     . HOH E 3 .  ? 14.267 10.596  8.236   1.00 60.82 ? 74 HOH B O     1 
HETATM 573 O O     . HOH E 3 .  ? 9.624  4.689   5.200   1.00 25.58 ? 75 HOH B O     1 
HETATM 574 O O     . HOH E 3 .  ? 0.495  -10.189 -8.440  1.00 37.03 ? 77 HOH B O     1 
HETATM 575 O O     . HOH E 3 .  ? -5.633 4.946   -5.405  1.00 55.48 ? 79 HOH B O     1 
HETATM 576 O O     . HOH E 3 .  ? 7.079  14.360  9.732   1.00 42.49 ? 85 HOH B O     1 
HETATM 577 O O     . HOH E 3 .  ? -2.512 -8.825  -0.806  1.00 52.14 ? 89 HOH B O     1 
HETATM 578 O O     . HOH E 3 .  ? 6.960  -7.953  12.340  1.00 50.93 ? 94 HOH B O     1 
# 
